data_3OUZ
#
_entry.id   3OUZ
#
_cell.length_a   89.855
_cell.length_b   100.674
_cell.length_c   147.702
_cell.angle_alpha   90.00
_cell.angle_beta   90.00
_cell.angle_gamma   90.00
#
_symmetry.space_group_name_H-M   'P 21 21 21'
#
loop_
_entity.id
_entity.type
_entity.pdbx_description
1 polymer 'Biotin carboxylase'
2 non-polymer GLYCEROL
3 non-polymer "ADENOSINE-5'-DIPHOSPHATE"
4 non-polymer 'MAGNESIUM ION'
5 non-polymer 'FORMIC ACID'
6 non-polymer 'S,R MESO-TARTARIC ACID'
7 non-polymer D-MALATE
8 non-polymer 'L(+)-TARTARIC ACID'
9 water water
#
_entity_poly.entity_id   1
_entity_poly.type   'polypeptide(L)'
_entity_poly.pdbx_seq_one_letter_code
;SNA(MSE)EIKSILIANRGEIALRALRTIKE(MSE)GKKAICVYSEADKDALYLKYADASICIGKARSSESYLNIPAIIA
AAEIAEADAIFPGYGFLSENQNFVEICAKHNIKFIGPSVEA(MSE)NL(MSE)SDKSKAKQV(MSE)QRAGVPVIPGSDG
ALAGAEAAKKLAKEIGYPVILKAAAGGGGRG(MSE)RVVENEKDLEKAYWSAESEA(MSE)TAFGDGT(MSE)Y(MSE)E
KYIQNPRHIEVQVIGDSFGNVIHVGERDCS(MSE)QRRHQKLIEESPAILLDEKTRTRLHETAIKAAKAIGYEGAGTFEF
LVDKNLDFYFIE(MSE)NTRLQVEHCVSE(MSE)VSGIDIIEQ(MSE)IKVAEGYALPSQESIKLNGHSIECRITAEDSK
TFLPSPGKITKYIPPAGRNVR(MSE)ESHCYQDYSVPAYYDS(MSE)IGKLVVWAEDRNKAIAK(MSE)KVALDELLISG
IKTTKDFHLS(MSE)(MSE)ENPDFINNNYDTNYLARH
;
_entity_poly.pdbx_strand_id   A,B
#
# COMPACT_ATOMS: atom_id res chain seq x y z
N ASN A 2 -8.39 -21.68 -20.08
CA ASN A 2 -9.40 -22.47 -20.79
C ASN A 2 -9.85 -21.83 -22.09
N ALA A 3 -10.90 -22.38 -22.69
CA ALA A 3 -11.48 -21.83 -23.90
C ALA A 3 -11.98 -20.39 -23.66
N GLU A 5 -10.49 -18.32 -21.43
N GLU A 5 -10.50 -18.34 -21.44
CA GLU A 5 -9.40 -17.49 -20.89
CA GLU A 5 -9.39 -17.49 -21.03
C GLU A 5 -9.21 -16.22 -21.73
C GLU A 5 -9.48 -16.15 -21.73
N ILE A 6 -9.14 -15.09 -21.04
CA ILE A 6 -9.10 -13.78 -21.67
C ILE A 6 -7.63 -13.39 -21.83
N LYS A 7 -7.24 -12.95 -23.01
CA LYS A 7 -5.86 -12.61 -23.26
C LYS A 7 -5.55 -11.12 -23.30
N SER A 8 -6.57 -10.33 -23.66
N SER A 8 -6.56 -10.34 -23.71
CA SER A 8 -6.38 -8.92 -23.93
CA SER A 8 -6.39 -8.92 -23.94
C SER A 8 -7.66 -8.18 -23.59
C SER A 8 -7.68 -8.19 -23.58
N ILE A 9 -7.55 -7.18 -22.72
CA ILE A 9 -8.70 -6.45 -22.22
C ILE A 9 -8.60 -4.98 -22.57
N LEU A 10 -9.61 -4.46 -23.28
CA LEU A 10 -9.70 -3.02 -23.53
C LEU A 10 -10.43 -2.35 -22.37
N ILE A 11 -9.82 -1.29 -21.84
N ILE A 11 -9.81 -1.29 -21.85
CA ILE A 11 -10.41 -0.54 -20.73
CA ILE A 11 -10.38 -0.48 -20.79
C ILE A 11 -11.19 0.62 -21.33
C ILE A 11 -11.20 0.63 -21.41
N ALA A 12 -12.53 0.50 -21.33
CA ALA A 12 -13.39 1.51 -21.93
C ALA A 12 -13.71 2.61 -20.94
N ASN A 13 -12.69 3.32 -20.51
CA ASN A 13 -12.88 4.34 -19.49
C ASN A 13 -11.64 5.20 -19.44
N ARG A 14 -11.58 6.10 -18.46
CA ARG A 14 -10.48 7.05 -18.41
C ARG A 14 -10.17 7.35 -16.94
N GLY A 15 -9.16 8.18 -16.71
CA GLY A 15 -8.94 8.69 -15.36
C GLY A 15 -8.45 7.61 -14.42
N GLU A 16 -8.75 7.79 -13.14
N GLU A 16 -8.78 7.83 -13.15
CA GLU A 16 -8.18 6.92 -12.11
CA GLU A 16 -8.32 7.00 -12.06
C GLU A 16 -8.61 5.46 -12.28
C GLU A 16 -8.63 5.52 -12.24
N ILE A 17 -9.85 5.22 -12.68
CA ILE A 17 -10.32 3.85 -12.86
C ILE A 17 -9.58 3.12 -13.98
N ALA A 18 -9.22 3.85 -15.04
CA ALA A 18 -8.43 3.22 -16.13
C ALA A 18 -7.06 2.72 -15.62
N LEU A 19 -6.39 3.51 -14.79
CA LEU A 19 -5.10 3.11 -14.23
C LEU A 19 -5.26 1.95 -13.25
N ARG A 20 -6.26 2.05 -12.39
CA ARG A 20 -6.59 0.98 -11.43
C ARG A 20 -6.79 -0.37 -12.14
N ALA A 21 -7.58 -0.36 -13.20
CA ALA A 21 -7.88 -1.59 -13.94
C ALA A 21 -6.62 -2.09 -14.62
N LEU A 22 -5.86 -1.16 -15.22
CA LEU A 22 -4.65 -1.55 -15.94
C LEU A 22 -3.67 -2.32 -15.05
N ARG A 23 -3.50 -1.87 -13.81
CA ARG A 23 -2.57 -2.55 -12.91
C ARG A 23 -2.93 -4.01 -12.68
N THR A 24 -4.20 -4.28 -12.37
CA THR A 24 -4.62 -5.66 -12.19
C THR A 24 -4.49 -6.48 -13.48
N ILE A 25 -4.92 -5.91 -14.60
CA ILE A 25 -4.89 -6.64 -15.87
C ILE A 25 -3.45 -7.08 -16.19
N LYS A 26 -2.50 -6.15 -16.05
CA LYS A 26 -1.11 -6.46 -16.34
C LYS A 26 -0.52 -7.42 -15.31
N GLU A 27 -0.86 -7.26 -14.05
CA GLU A 27 -0.36 -8.22 -13.05
C GLU A 27 -0.82 -9.64 -13.38
N GLY A 29 -1.01 -10.83 -16.22
CA GLY A 29 -0.31 -11.27 -17.42
C GLY A 29 -1.14 -11.10 -18.68
N LYS A 30 -2.16 -10.27 -18.64
CA LYS A 30 -2.99 -10.04 -19.81
C LYS A 30 -2.62 -8.69 -20.40
N LYS A 31 -2.90 -8.49 -21.69
CA LYS A 31 -2.64 -7.20 -22.32
C LYS A 31 -3.68 -6.18 -21.85
N ALA A 32 -3.25 -4.96 -21.57
CA ALA A 32 -4.16 -3.86 -21.21
C ALA A 32 -4.19 -2.87 -22.37
N ILE A 33 -5.36 -2.72 -22.98
CA ILE A 33 -5.51 -1.77 -24.08
C ILE A 33 -6.29 -0.58 -23.55
N CYS A 34 -5.73 0.62 -23.70
CA CYS A 34 -6.43 1.83 -23.26
C CYS A 34 -6.97 2.62 -24.43
N VAL A 35 -8.01 3.42 -24.18
CA VAL A 35 -8.51 4.36 -25.16
C VAL A 35 -8.43 5.75 -24.58
N TYR A 36 -8.36 6.75 -25.46
CA TYR A 36 -8.35 8.15 -25.02
C TYR A 36 -8.92 9.09 -26.07
N SER A 37 -9.65 10.09 -25.60
CA SER A 37 -10.03 11.20 -26.45
C SER A 37 -8.79 12.04 -26.62
N GLU A 38 -8.81 12.95 -27.59
CA GLU A 38 -7.68 13.85 -27.80
C GLU A 38 -7.35 14.69 -26.57
N ALA A 39 -8.37 15.04 -25.77
CA ALA A 39 -8.13 15.82 -24.56
C ALA A 39 -7.37 15.05 -23.48
N ASP A 40 -7.32 13.73 -23.61
CA ASP A 40 -6.69 12.89 -22.60
C ASP A 40 -5.36 12.31 -23.06
N LYS A 41 -4.77 12.90 -24.10
CA LYS A 41 -3.48 12.42 -24.60
C LYS A 41 -2.39 12.41 -23.53
N ASP A 42 -2.60 13.20 -22.47
N ASP A 42 -2.55 13.20 -22.47
CA ASP A 42 -1.63 13.37 -21.41
CA ASP A 42 -1.52 13.29 -21.44
C ASP A 42 -1.82 12.43 -20.22
C ASP A 42 -1.78 12.39 -20.23
N ALA A 43 -2.78 11.53 -20.34
CA ALA A 43 -3.13 10.62 -19.24
C ALA A 43 -1.99 9.65 -18.92
N LEU A 44 -1.70 9.47 -17.64
CA LEU A 44 -0.56 8.68 -17.20
C LEU A 44 -0.62 7.22 -17.64
N TYR A 45 -1.80 6.61 -17.54
CA TYR A 45 -1.91 5.16 -17.80
C TYR A 45 -1.61 4.82 -19.27
N LEU A 46 -1.64 5.82 -20.15
CA LEU A 46 -1.30 5.55 -21.56
C LEU A 46 0.15 5.18 -21.70
N LYS A 47 0.98 5.65 -20.77
CA LYS A 47 2.39 5.32 -20.74
C LYS A 47 2.57 3.84 -20.38
N TYR A 48 1.64 3.30 -19.62
CA TYR A 48 1.78 1.95 -19.07
C TYR A 48 1.07 0.87 -19.91
N ALA A 49 0.15 1.30 -20.78
CA ALA A 49 -0.67 0.36 -21.53
C ALA A 49 0.16 -0.44 -22.54
N ASP A 50 -0.32 -1.64 -22.88
CA ASP A 50 0.30 -2.38 -23.98
C ASP A 50 0.02 -1.70 -25.32
N ALA A 51 -1.15 -1.12 -25.45
CA ALA A 51 -1.46 -0.31 -26.62
C ALA A 51 -2.49 0.72 -26.21
N SER A 52 -2.50 1.86 -26.89
N SER A 52 -2.50 1.85 -26.90
CA SER A 52 -3.47 2.90 -26.61
CA SER A 52 -3.49 2.89 -26.66
C SER A 52 -4.05 3.45 -27.92
C SER A 52 -4.08 3.29 -28.00
N ILE A 53 -5.38 3.50 -27.98
N ILE A 53 -5.38 3.59 -28.00
CA ILE A 53 -6.07 3.94 -29.20
CA ILE A 53 -6.07 3.94 -29.22
C ILE A 53 -6.79 5.26 -28.94
C ILE A 53 -6.88 5.22 -29.03
N CYS A 54 -6.60 6.22 -29.85
CA CYS A 54 -7.34 7.47 -29.80
C CYS A 54 -8.70 7.22 -30.41
N ILE A 55 -9.75 7.50 -29.66
CA ILE A 55 -11.11 7.18 -30.09
C ILE A 55 -11.98 8.39 -30.46
N GLY A 56 -11.44 9.60 -30.39
CA GLY A 56 -12.24 10.76 -30.75
C GLY A 56 -11.68 12.08 -30.29
N LYS A 57 -12.32 13.16 -30.74
N LYS A 57 -12.29 13.18 -30.77
CA LYS A 57 -11.87 14.51 -30.43
CA LYS A 57 -11.71 14.51 -30.58
C LYS A 57 -11.81 14.76 -28.93
C LYS A 57 -12.64 15.49 -29.88
N ALA A 58 -12.94 14.58 -28.27
N ALA A 58 -13.83 15.04 -29.51
CA ALA A 58 -13.03 14.72 -26.82
CA ALA A 58 -14.79 15.94 -28.90
C ALA A 58 -14.45 15.01 -26.41
C ALA A 58 -15.10 15.56 -27.45
N ARG A 59 -15.01 16.09 -26.94
N ARG A 59 -16.31 15.92 -27.01
CA ARG A 59 -16.23 16.66 -26.43
CA ARG A 59 -16.80 15.52 -25.70
C ARG A 59 -16.01 16.70 -24.93
C ARG A 59 -17.08 14.02 -25.68
N SER A 60 -16.59 15.74 -24.24
N SER A 60 -17.70 13.56 -24.61
CA SER A 60 -16.28 15.48 -22.85
CA SER A 60 -17.91 12.15 -24.38
C SER A 60 -16.21 13.97 -22.72
C SER A 60 -18.69 11.44 -25.50
N SER A 61 -17.36 13.37 -22.40
N SER A 61 -19.71 12.11 -26.02
CA SER A 61 -17.48 11.92 -22.36
CA SER A 61 -20.51 11.54 -27.10
C SER A 61 -17.85 11.38 -23.75
C SER A 61 -19.67 11.11 -28.29
N GLU A 62 -18.21 12.28 -24.66
N GLU A 62 -18.59 11.84 -28.55
CA GLU A 62 -18.83 11.87 -25.93
CA GLU A 62 -17.72 11.58 -29.70
C GLU A 62 -18.08 10.79 -26.71
C GLU A 62 -16.53 10.69 -29.35
N SER A 63 -16.78 10.97 -26.94
N SER A 63 -16.24 10.60 -28.05
CA SER A 63 -16.00 9.93 -27.61
CA SER A 63 -15.10 9.81 -27.58
C SER A 63 -16.02 8.63 -26.80
C SER A 63 -15.56 8.57 -26.81
N TYR A 64 -15.77 8.73 -25.51
CA TYR A 64 -15.92 7.58 -24.62
C TYR A 64 -17.30 6.94 -24.66
N LEU A 65 -18.31 7.67 -25.14
CA LEU A 65 -19.66 7.10 -25.25
C LEU A 65 -19.97 6.62 -26.66
N ASN A 66 -18.97 6.69 -27.54
CA ASN A 66 -19.17 6.33 -28.94
C ASN A 66 -18.94 4.83 -29.16
N ILE A 67 -20.04 4.06 -29.14
CA ILE A 67 -19.95 2.62 -29.20
C ILE A 67 -19.18 2.09 -30.41
N PRO A 68 -19.49 2.62 -31.61
CA PRO A 68 -18.71 2.13 -32.75
C PRO A 68 -17.21 2.38 -32.62
N ALA A 69 -16.84 3.53 -32.06
CA ALA A 69 -15.42 3.83 -31.89
C ALA A 69 -14.79 2.86 -30.88
N ILE A 70 -15.51 2.58 -29.80
CA ILE A 70 -15.00 1.66 -28.77
C ILE A 70 -14.85 0.24 -29.32
N ILE A 71 -15.90 -0.25 -29.98
CA ILE A 71 -15.84 -1.59 -30.58
C ILE A 71 -14.71 -1.69 -31.61
N ALA A 72 -14.56 -0.67 -32.43
CA ALA A 72 -13.51 -0.65 -33.45
C ALA A 72 -12.13 -0.65 -32.85
N ALA A 73 -11.96 0.03 -31.71
CA ALA A 73 -10.68 0.04 -31.03
C ALA A 73 -10.38 -1.37 -30.51
N ALA A 74 -11.37 -2.02 -29.90
CA ALA A 74 -11.19 -3.38 -29.42
C ALA A 74 -10.74 -4.30 -30.55
N GLU A 75 -11.36 -4.14 -31.71
CA GLU A 75 -11.08 -5.07 -32.81
C GLU A 75 -9.73 -4.81 -33.45
N ILE A 76 -9.37 -3.54 -33.62
CA ILE A 76 -8.04 -3.24 -34.16
C ILE A 76 -6.95 -3.73 -33.20
N ALA A 77 -7.21 -3.66 -31.89
CA ALA A 77 -6.21 -4.05 -30.91
C ALA A 77 -6.26 -5.54 -30.60
N GLU A 78 -7.26 -6.22 -31.15
CA GLU A 78 -7.49 -7.64 -30.88
C GLU A 78 -7.74 -7.94 -29.40
N ALA A 79 -8.50 -7.07 -28.74
CA ALA A 79 -8.95 -7.33 -27.38
C ALA A 79 -10.09 -8.33 -27.47
N ASP A 80 -10.12 -9.31 -26.57
N ASP A 80 -10.11 -9.32 -26.57
CA ASP A 80 -11.22 -10.26 -26.56
CA ASP A 80 -11.22 -10.27 -26.55
C ASP A 80 -12.25 -9.97 -25.46
C ASP A 80 -12.22 -9.99 -25.43
N ALA A 81 -11.96 -8.95 -24.65
CA ALA A 81 -12.87 -8.55 -23.57
C ALA A 81 -12.79 -7.05 -23.34
N ILE A 82 -13.84 -6.50 -22.77
CA ILE A 82 -13.85 -5.08 -22.45
C ILE A 82 -14.18 -4.92 -20.96
N PHE A 83 -13.37 -4.11 -20.29
CA PHE A 83 -13.64 -3.73 -18.92
C PHE A 83 -14.24 -2.32 -18.92
N PRO A 84 -15.47 -2.18 -18.41
CA PRO A 84 -16.18 -0.90 -18.55
C PRO A 84 -15.98 0.08 -17.38
N GLY A 85 -15.43 -0.38 -16.27
CA GLY A 85 -15.30 0.49 -15.09
C GLY A 85 -16.67 0.96 -14.61
N TYR A 86 -16.76 2.23 -14.19
CA TYR A 86 -18.05 2.82 -13.82
C TYR A 86 -18.29 4.10 -14.60
N GLY A 87 -19.54 4.53 -14.67
CA GLY A 87 -19.91 5.63 -15.55
C GLY A 87 -19.81 5.16 -16.99
N PHE A 88 -19.83 6.11 -17.92
CA PHE A 88 -19.74 5.83 -19.36
C PHE A 88 -20.68 4.70 -19.83
N LEU A 89 -20.12 3.61 -20.36
CA LEU A 89 -20.94 2.55 -20.96
C LEU A 89 -21.19 1.37 -20.04
N SER A 90 -20.81 1.50 -18.76
CA SER A 90 -20.84 0.38 -17.83
C SER A 90 -22.25 -0.19 -17.56
N GLU A 91 -23.27 0.66 -17.68
CA GLU A 91 -24.65 0.19 -17.51
C GLU A 91 -25.48 0.39 -18.77
N ASN A 92 -24.80 0.39 -19.91
CA ASN A 92 -25.47 0.61 -21.19
C ASN A 92 -25.84 -0.74 -21.80
N GLN A 93 -27.11 -1.11 -21.74
CA GLN A 93 -27.52 -2.45 -22.17
C GLN A 93 -27.28 -2.68 -23.66
N ASN A 94 -27.44 -1.64 -24.46
CA ASN A 94 -27.18 -1.75 -25.89
C ASN A 94 -25.71 -2.08 -26.16
N PHE A 95 -24.81 -1.43 -25.42
CA PHE A 95 -23.38 -1.71 -25.54
C PHE A 95 -23.10 -3.17 -25.17
N VAL A 96 -23.71 -3.65 -24.09
CA VAL A 96 -23.48 -5.02 -23.68
C VAL A 96 -23.88 -6.01 -24.77
N GLU A 97 -25.01 -5.77 -25.41
CA GLU A 97 -25.46 -6.66 -26.48
C GLU A 97 -24.54 -6.55 -27.68
N ILE A 98 -24.08 -5.34 -27.97
CA ILE A 98 -23.20 -5.16 -29.12
C ILE A 98 -21.86 -5.88 -28.90
N CYS A 99 -21.36 -5.87 -27.66
CA CYS A 99 -20.13 -6.63 -27.36
C CYS A 99 -20.32 -8.08 -27.74
N ALA A 100 -21.42 -8.67 -27.28
CA ALA A 100 -21.69 -10.09 -27.58
C ALA A 100 -21.78 -10.35 -29.09
N LYS A 101 -22.38 -9.42 -29.82
CA LYS A 101 -22.52 -9.55 -31.27
C LYS A 101 -21.15 -9.60 -31.94
N HIS A 102 -20.17 -8.95 -31.31
CA HIS A 102 -18.83 -8.89 -31.88
C HIS A 102 -17.87 -9.89 -31.24
N ASN A 103 -18.43 -10.82 -30.48
N ASN A 103 -18.41 -10.83 -30.49
CA ASN A 103 -17.64 -11.82 -29.78
CA ASN A 103 -17.60 -11.84 -29.81
C ASN A 103 -16.55 -11.20 -28.89
C ASN A 103 -16.56 -11.24 -28.83
N ILE A 104 -16.94 -10.16 -28.16
CA ILE A 104 -16.09 -9.55 -27.15
C ILE A 104 -16.79 -9.74 -25.81
N LYS A 105 -16.07 -10.31 -24.85
CA LYS A 105 -16.66 -10.54 -23.54
C LYS A 105 -16.80 -9.24 -22.75
N PHE A 106 -18.02 -8.93 -22.35
CA PHE A 106 -18.26 -7.74 -21.51
C PHE A 106 -18.02 -8.17 -20.08
N ILE A 107 -17.09 -7.51 -19.39
CA ILE A 107 -16.79 -7.92 -18.01
C ILE A 107 -17.81 -7.26 -17.08
N GLY A 108 -18.90 -7.98 -16.82
CA GLY A 108 -20.03 -7.41 -16.09
C GLY A 108 -21.18 -8.40 -16.13
N PRO A 109 -22.36 -8.02 -15.60
CA PRO A 109 -23.51 -8.93 -15.57
C PRO A 109 -24.18 -9.11 -16.94
N SER A 110 -25.15 -10.02 -17.01
CA SER A 110 -25.91 -10.21 -18.24
C SER A 110 -26.83 -9.02 -18.48
N VAL A 111 -27.25 -8.83 -19.72
N VAL A 111 -27.22 -8.84 -19.74
CA VAL A 111 -28.13 -7.71 -20.03
CA VAL A 111 -28.15 -7.80 -20.12
C VAL A 111 -29.47 -7.92 -19.33
C VAL A 111 -29.43 -7.94 -19.30
N GLU A 112 -29.85 -9.17 -19.10
CA GLU A 112 -31.09 -9.45 -18.39
C GLU A 112 -31.05 -8.99 -16.92
N ALA A 113 -29.94 -9.23 -16.23
CA ALA A 113 -29.86 -8.83 -14.81
C ALA A 113 -29.80 -7.31 -14.75
N ASN A 115 -31.06 -5.23 -16.89
CA ASN A 115 -32.39 -4.69 -17.19
C ASN A 115 -33.37 -4.79 -16.02
N LEU A 116 -33.29 -5.86 -15.24
CA LEU A 116 -34.14 -5.98 -14.05
C LEU A 116 -33.93 -4.82 -13.06
N SER A 118 -32.27 -1.71 -13.75
CA SER A 118 -32.03 -0.36 -14.32
C SER A 118 -33.15 0.66 -14.09
N ASP A 119 -34.40 0.20 -14.10
CA ASP A 119 -35.52 1.09 -13.77
C ASP A 119 -35.69 0.95 -12.29
N LYS A 120 -35.42 2.02 -11.54
CA LYS A 120 -35.30 1.88 -10.10
C LYS A 120 -36.64 1.55 -9.45
N SER A 121 -37.73 1.97 -10.10
N SER A 121 -37.71 1.97 -10.11
CA SER A 121 -39.05 1.67 -9.55
CA SER A 121 -39.04 1.70 -9.61
C SER A 121 -39.40 0.20 -9.76
C SER A 121 -39.39 0.22 -9.77
N LYS A 122 -39.11 -0.33 -10.95
CA LYS A 122 -39.34 -1.77 -11.20
C LYS A 122 -38.38 -2.62 -10.37
N ALA A 123 -37.15 -2.13 -10.18
CA ALA A 123 -36.18 -2.85 -9.36
C ALA A 123 -36.74 -3.15 -7.99
N LYS A 124 -37.42 -2.18 -7.38
CA LYS A 124 -38.00 -2.39 -6.07
C LYS A 124 -39.02 -3.52 -6.07
N GLN A 125 -39.77 -3.65 -7.17
CA GLN A 125 -40.77 -4.71 -7.24
C GLN A 125 -40.09 -6.08 -7.33
N VAL A 126 -39.00 -6.15 -8.09
CA VAL A 126 -38.20 -7.36 -8.19
C VAL A 126 -37.69 -7.74 -6.81
N GLN A 128 -38.91 -6.88 -3.79
CA GLN A 128 -40.04 -7.31 -2.96
C GLN A 128 -40.40 -8.76 -3.22
N ARG A 129 -40.45 -9.12 -4.49
CA ARG A 129 -40.71 -10.52 -4.86
C ARG A 129 -39.63 -11.46 -4.32
N ALA A 130 -38.41 -10.96 -4.21
CA ALA A 130 -37.30 -11.74 -3.68
C ALA A 130 -37.28 -11.77 -2.15
N GLY A 131 -38.21 -11.06 -1.52
CA GLY A 131 -38.27 -11.02 -0.07
C GLY A 131 -37.29 -10.03 0.57
N VAL A 132 -36.92 -9.01 -0.19
CA VAL A 132 -35.95 -8.01 0.27
C VAL A 132 -36.72 -6.77 0.72
N PRO A 133 -36.42 -6.24 1.92
CA PRO A 133 -37.17 -5.05 2.38
C PRO A 133 -36.88 -3.82 1.53
N VAL A 134 -37.93 -3.05 1.20
CA VAL A 134 -37.80 -1.83 0.41
C VAL A 134 -38.57 -0.76 1.13
N ILE A 135 -38.37 0.51 0.75
CA ILE A 135 -39.12 1.60 1.41
C ILE A 135 -40.53 1.69 0.85
N PRO A 136 -41.54 1.78 1.74
CA PRO A 136 -42.93 1.95 1.28
C PRO A 136 -43.04 3.12 0.31
N GLY A 137 -43.79 2.93 -0.77
CA GLY A 137 -43.92 3.98 -1.76
C GLY A 137 -44.84 3.55 -2.87
N SER A 138 -44.68 4.17 -4.03
CA SER A 138 -45.51 3.83 -5.19
C SER A 138 -45.27 2.39 -5.62
N ASP A 139 -46.28 1.77 -6.19
CA ASP A 139 -46.12 0.44 -6.79
C ASP A 139 -45.67 0.62 -8.22
N GLY A 140 -44.37 0.69 -8.43
CA GLY A 140 -43.85 1.06 -9.73
C GLY A 140 -43.99 2.56 -9.94
N ALA A 141 -44.04 2.98 -11.20
CA ALA A 141 -43.96 4.40 -11.54
C ALA A 141 -45.27 5.14 -11.23
N LEU A 142 -45.17 6.42 -10.88
CA LEU A 142 -46.32 7.27 -10.69
C LEU A 142 -46.93 7.61 -12.05
N ALA A 143 -48.25 7.64 -12.14
CA ALA A 143 -48.90 8.02 -13.39
C ALA A 143 -48.75 9.51 -13.66
N GLY A 144 -48.55 10.28 -12.59
CA GLY A 144 -48.45 11.72 -12.72
C GLY A 144 -48.62 12.43 -11.41
N ALA A 145 -48.79 13.74 -11.47
CA ALA A 145 -48.79 14.58 -10.28
C ALA A 145 -50.00 14.32 -9.39
N GLU A 146 -51.17 14.05 -9.99
N GLU A 146 -51.15 14.04 -10.03
CA GLU A 146 -52.35 13.76 -9.18
CA GLU A 146 -52.38 13.73 -9.32
C GLU A 146 -52.18 12.44 -8.44
C GLU A 146 -52.20 12.46 -8.49
N ALA A 147 -51.66 11.42 -9.12
CA ALA A 147 -51.35 10.16 -8.44
C ALA A 147 -50.37 10.41 -7.27
N ALA A 148 -49.38 11.28 -7.49
CA ALA A 148 -48.40 11.56 -6.44
C ALA A 148 -49.09 12.16 -5.22
N LYS A 149 -49.97 13.13 -5.46
CA LYS A 149 -50.73 13.73 -4.37
C LYS A 149 -51.54 12.72 -3.55
N LYS A 150 -52.25 11.82 -4.24
CA LYS A 150 -53.02 10.77 -3.55
C LYS A 150 -52.10 9.85 -2.74
N LEU A 151 -51.01 9.42 -3.36
CA LEU A 151 -50.12 8.46 -2.68
C LEU A 151 -49.46 9.08 -1.46
N ALA A 152 -49.04 10.33 -1.58
CA ALA A 152 -48.30 10.96 -0.49
C ALA A 152 -49.10 11.03 0.81
N LYS A 153 -50.39 11.28 0.72
CA LYS A 153 -51.28 11.18 1.89
C LYS A 153 -51.34 9.75 2.41
N GLU A 154 -51.41 8.78 1.49
CA GLU A 154 -51.47 7.37 1.88
C GLU A 154 -50.22 6.95 2.67
N ILE A 155 -49.04 7.24 2.14
CA ILE A 155 -47.83 6.79 2.82
C ILE A 155 -47.39 7.75 3.92
N GLY A 156 -47.77 9.02 3.80
CA GLY A 156 -47.49 10.00 4.85
C GLY A 156 -46.29 10.87 4.54
N TYR A 157 -46.38 12.17 4.80
CA TYR A 157 -45.25 13.07 4.57
C TYR A 157 -44.23 12.93 5.70
N PRO A 158 -42.94 13.20 5.43
CA PRO A 158 -42.35 13.60 4.15
C PRO A 158 -42.14 12.44 3.18
N VAL A 159 -42.14 12.76 1.89
CA VAL A 159 -41.89 11.75 0.86
C VAL A 159 -40.77 12.24 -0.03
N ILE A 160 -40.27 11.37 -0.88
CA ILE A 160 -39.23 11.80 -1.82
C ILE A 160 -39.63 11.31 -3.21
N LEU A 161 -39.59 12.21 -4.19
CA LEU A 161 -39.85 11.86 -5.58
C LEU A 161 -38.51 11.50 -6.19
N LYS A 162 -38.46 10.38 -6.93
CA LYS A 162 -37.19 9.91 -7.45
C LYS A 162 -37.36 9.51 -8.93
N ALA A 163 -36.37 9.84 -9.75
CA ALA A 163 -36.41 9.46 -11.15
C ALA A 163 -36.12 7.96 -11.31
N ALA A 164 -36.98 7.28 -12.06
CA ALA A 164 -36.80 5.84 -12.28
C ALA A 164 -35.48 5.56 -13.03
N ALA A 165 -35.12 6.47 -13.92
CA ALA A 165 -33.90 6.34 -14.72
C ALA A 165 -32.73 7.08 -14.05
N GLY A 166 -32.91 7.43 -12.78
CA GLY A 166 -32.00 8.36 -12.11
C GLY A 166 -30.64 7.79 -11.75
N GLY A 167 -29.69 8.69 -11.57
CA GLY A 167 -28.36 8.33 -11.12
C GLY A 167 -27.62 9.59 -10.75
N GLY A 168 -26.47 9.42 -10.10
CA GLY A 168 -25.60 10.54 -9.77
C GLY A 168 -26.22 11.59 -8.87
N GLY A 169 -27.26 11.22 -8.13
CA GLY A 169 -27.93 12.13 -7.21
C GLY A 169 -28.90 13.11 -7.86
N ARG A 170 -29.20 12.89 -9.13
N ARG A 170 -29.19 12.90 -9.13
CA ARG A 170 -30.03 13.84 -9.89
CA ARG A 170 -30.03 13.83 -9.90
C ARG A 170 -31.45 13.32 -10.17
C ARG A 170 -31.48 13.33 -10.00
N GLY A 171 -32.40 14.24 -10.28
CA GLY A 171 -33.80 13.89 -10.47
C GLY A 171 -34.56 13.48 -9.21
N ARG A 173 -36.39 14.89 -5.49
CA ARG A 173 -36.86 16.03 -4.69
C ARG A 173 -37.56 15.53 -3.45
N VAL A 174 -37.15 16.05 -2.31
CA VAL A 174 -37.81 15.75 -1.05
C VAL A 174 -39.02 16.66 -0.93
N VAL A 175 -40.17 16.11 -0.55
CA VAL A 175 -41.37 16.90 -0.43
C VAL A 175 -41.92 16.72 0.96
N GLU A 176 -42.00 17.84 1.68
CA GLU A 176 -42.38 17.83 3.09
C GLU A 176 -43.84 18.20 3.32
N ASN A 177 -44.50 18.78 2.31
CA ASN A 177 -45.88 19.22 2.49
C ASN A 177 -46.58 19.20 1.14
N GLU A 178 -47.91 19.08 1.13
N GLU A 178 -47.90 19.06 1.14
CA GLU A 178 -48.62 18.94 -0.14
CA GLU A 178 -48.66 18.97 -0.12
C GLU A 178 -48.54 20.21 -0.99
C GLU A 178 -48.43 20.21 -0.97
N LYS A 179 -48.46 21.37 -0.34
CA LYS A 179 -48.36 22.64 -1.07
C LYS A 179 -47.16 22.69 -2.03
N ASP A 180 -46.07 22.05 -1.65
CA ASP A 180 -44.85 22.02 -2.46
C ASP A 180 -44.82 20.91 -3.53
N LEU A 181 -45.80 20.00 -3.50
CA LEU A 181 -45.66 18.74 -4.25
C LEU A 181 -45.65 18.92 -5.77
N GLU A 182 -46.63 19.64 -6.28
CA GLU A 182 -46.78 19.75 -7.74
C GLU A 182 -45.54 20.38 -8.37
N LYS A 183 -45.04 21.44 -7.76
CA LYS A 183 -43.85 22.10 -8.27
C LYS A 183 -42.62 21.20 -8.24
N ALA A 184 -42.47 20.45 -7.14
CA ALA A 184 -41.35 19.53 -6.98
C ALA A 184 -41.43 18.44 -8.04
N TYR A 185 -42.65 17.94 -8.25
CA TYR A 185 -42.85 16.88 -9.23
C TYR A 185 -42.35 17.32 -10.61
N TRP A 186 -42.76 18.50 -11.04
CA TRP A 186 -42.35 18.97 -12.36
C TRP A 186 -40.86 19.36 -12.43
N SER A 187 -40.32 19.89 -11.35
N SER A 187 -40.33 19.87 -11.34
CA SER A 187 -38.89 20.17 -11.29
CA SER A 187 -38.90 20.16 -11.24
C SER A 187 -38.06 18.89 -11.47
C SER A 187 -38.07 18.90 -11.47
N ALA A 188 -38.40 17.84 -10.75
CA ALA A 188 -37.67 16.57 -10.86
C ALA A 188 -37.85 15.96 -12.24
N GLU A 189 -39.09 15.92 -12.70
CA GLU A 189 -39.43 15.31 -13.97
C GLU A 189 -38.67 15.99 -15.12
N SER A 190 -38.65 17.32 -15.11
N SER A 190 -38.66 17.31 -15.12
CA SER A 190 -37.93 18.05 -16.15
CA SER A 190 -37.93 18.06 -16.14
C SER A 190 -36.41 17.82 -16.05
C SER A 190 -36.43 17.79 -16.06
N GLU A 191 -35.88 17.78 -14.84
CA GLU A 191 -34.46 17.49 -14.66
C GLU A 191 -34.14 16.09 -15.17
N ALA A 192 -35.03 15.14 -14.85
CA ALA A 192 -34.81 13.76 -15.27
C ALA A 192 -34.85 13.62 -16.79
N THR A 194 -34.09 15.87 -19.03
CA THR A 194 -32.86 16.44 -19.55
C THR A 194 -31.63 15.56 -19.30
N ALA A 195 -31.53 15.03 -18.08
CA ALA A 195 -30.35 14.27 -17.68
C ALA A 195 -30.34 12.85 -18.22
N PHE A 196 -31.51 12.21 -18.31
CA PHE A 196 -31.55 10.79 -18.62
C PHE A 196 -32.42 10.47 -19.83
N GLY A 197 -33.08 11.48 -20.37
CA GLY A 197 -33.99 11.29 -21.50
C GLY A 197 -35.24 10.52 -21.13
N ASP A 198 -35.54 10.44 -19.82
CA ASP A 198 -36.70 9.67 -19.36
C ASP A 198 -37.19 10.30 -18.06
N GLY A 199 -38.41 10.83 -18.05
CA GLY A 199 -38.91 11.56 -16.92
C GLY A 199 -39.80 10.75 -15.99
N THR A 200 -39.77 9.43 -16.13
CA THR A 200 -40.59 8.55 -15.30
C THR A 200 -40.21 8.74 -13.83
N TYR A 202 -41.03 7.93 -9.51
CA TYR A 202 -41.69 7.14 -8.49
C TYR A 202 -41.55 7.84 -7.14
N GLU A 204 -41.18 7.33 -2.68
CA GLU A 204 -41.11 6.50 -1.50
C GLU A 204 -41.06 7.41 -0.28
N LYS A 205 -41.21 6.80 0.90
N LYS A 205 -41.23 6.81 0.90
CA LYS A 205 -41.09 7.52 2.16
CA LYS A 205 -41.13 7.57 2.14
C LYS A 205 -39.69 8.15 2.24
C LYS A 205 -39.71 8.13 2.28
N TYR A 206 -39.62 9.35 2.77
CA TYR A 206 -38.33 10.00 2.97
C TYR A 206 -37.87 9.61 4.34
N ILE A 207 -36.79 8.83 4.42
N ILE A 207 -36.73 8.91 4.38
CA ILE A 207 -36.32 8.35 5.72
CA ILE A 207 -36.04 8.60 5.64
C ILE A 207 -35.56 9.47 6.43
C ILE A 207 -35.28 9.84 6.11
N GLN A 208 -35.88 9.67 7.70
N GLN A 208 -35.69 10.39 7.24
CA GLN A 208 -35.28 10.76 8.48
CA GLN A 208 -35.02 11.54 7.82
C GLN A 208 -33.86 10.42 8.94
C GLN A 208 -33.65 11.13 8.37
N ASN A 209 -32.92 11.33 8.68
N ASN A 209 -32.63 11.94 8.09
CA ASN A 209 -31.52 11.18 9.07
CA ASN A 209 -31.26 11.66 8.54
C ASN A 209 -30.96 9.83 8.67
C ASN A 209 -30.86 10.18 8.54
N PRO A 210 -30.94 9.54 7.36
CA PRO A 210 -30.57 8.15 7.12
C PRO A 210 -29.05 7.93 7.10
N ARG A 211 -28.64 6.69 7.33
CA ARG A 211 -27.29 6.28 7.00
C ARG A 211 -27.33 5.46 5.70
N HIS A 212 -26.37 5.72 4.81
CA HIS A 212 -26.29 5.01 3.53
C HIS A 212 -25.26 3.91 3.72
N ILE A 213 -25.71 2.65 3.69
CA ILE A 213 -24.84 1.49 3.91
C ILE A 213 -25.04 0.53 2.77
N GLU A 214 -23.94 0.09 2.15
CA GLU A 214 -24.11 -0.69 0.93
C GLU A 214 -23.27 -1.97 1.04
N VAL A 215 -23.70 -3.03 0.35
CA VAL A 215 -22.99 -4.31 0.44
C VAL A 215 -22.37 -4.64 -0.90
N GLN A 216 -21.06 -4.90 -0.92
CA GLN A 216 -20.35 -5.27 -2.12
C GLN A 216 -20.61 -6.76 -2.37
N VAL A 217 -21.14 -7.12 -3.54
CA VAL A 217 -21.23 -8.55 -3.88
C VAL A 217 -20.45 -8.88 -5.14
N ILE A 218 -20.17 -10.16 -5.33
CA ILE A 218 -19.65 -10.64 -6.62
C ILE A 218 -20.31 -11.99 -6.86
N GLY A 219 -20.82 -12.18 -8.08
CA GLY A 219 -21.45 -13.47 -8.44
C GLY A 219 -20.71 -14.15 -9.57
N ASP A 220 -20.77 -15.48 -9.64
CA ASP A 220 -20.09 -16.18 -10.73
C ASP A 220 -21.08 -16.96 -11.62
N SER A 221 -20.57 -17.57 -12.68
N SER A 221 -20.56 -17.59 -12.67
CA SER A 221 -21.42 -18.23 -13.66
CA SER A 221 -21.42 -18.24 -13.65
C SER A 221 -22.03 -19.53 -13.13
C SER A 221 -21.96 -19.56 -13.16
N PHE A 222 -21.56 -19.96 -11.97
CA PHE A 222 -22.09 -21.17 -11.35
C PHE A 222 -23.24 -20.86 -10.37
N GLY A 223 -23.54 -19.58 -10.18
CA GLY A 223 -24.60 -19.23 -9.24
C GLY A 223 -24.11 -18.93 -7.83
N ASN A 224 -22.79 -18.98 -7.60
CA ASN A 224 -22.26 -18.60 -6.29
C ASN A 224 -22.26 -17.09 -6.19
N VAL A 225 -22.58 -16.57 -5.02
CA VAL A 225 -22.44 -15.13 -4.79
C VAL A 225 -21.75 -14.95 -3.46
N ILE A 226 -20.72 -14.12 -3.42
CA ILE A 226 -20.10 -13.79 -2.15
C ILE A 226 -20.29 -12.30 -1.86
N HIS A 227 -20.17 -11.94 -0.59
CA HIS A 227 -20.10 -10.52 -0.23
C HIS A 227 -18.69 -10.22 0.23
N VAL A 228 -18.33 -8.95 0.12
N VAL A 228 -18.32 -8.94 0.18
CA VAL A 228 -17.04 -8.44 0.55
CA VAL A 228 -17.00 -8.51 0.62
C VAL A 228 -17.27 -7.35 1.61
C VAL A 228 -17.14 -7.47 1.75
N GLY A 229 -18.22 -7.58 2.52
CA GLY A 229 -18.49 -6.65 3.60
C GLY A 229 -19.37 -5.50 3.17
N GLU A 230 -19.69 -4.64 4.14
CA GLU A 230 -20.54 -3.48 3.90
C GLU A 230 -19.74 -2.18 4.08
N ARG A 231 -20.15 -1.13 3.36
CA ARG A 231 -19.50 0.18 3.43
C ARG A 231 -20.51 1.22 3.90
N ASP A 232 -20.11 2.10 4.81
CA ASP A 232 -20.94 3.25 5.19
C ASP A 232 -20.45 4.43 4.36
N CYS A 233 -21.36 5.04 3.62
CA CYS A 233 -21.05 6.15 2.72
C CYS A 233 -21.97 7.32 3.04
N SER A 234 -22.23 7.55 4.32
CA SER A 234 -23.22 8.57 4.70
C SER A 234 -22.76 10.04 4.61
N GLN A 236 -22.21 12.79 2.69
CA GLN A 236 -22.55 13.13 1.32
C GLN A 236 -22.83 14.61 1.17
N ARG A 237 -22.61 15.13 -0.03
CA ARG A 237 -23.05 16.48 -0.42
C ARG A 237 -23.80 16.30 -1.71
N ARG A 238 -24.99 16.88 -1.85
CA ARG A 238 -25.79 16.67 -3.06
C ARG A 238 -26.05 15.20 -3.30
N HIS A 239 -26.18 14.43 -2.22
CA HIS A 239 -26.49 13.01 -2.33
C HIS A 239 -25.39 12.24 -3.04
N GLN A 240 -24.20 12.82 -3.10
CA GLN A 240 -23.04 12.12 -3.65
C GLN A 240 -21.94 11.98 -2.58
N LYS A 241 -21.21 10.88 -2.64
CA LYS A 241 -20.36 10.47 -1.55
C LYS A 241 -18.97 11.15 -1.55
N LEU A 242 -18.48 11.50 -0.37
CA LEU A 242 -17.18 12.13 -0.25
C LEU A 242 -16.19 11.27 0.55
N ILE A 243 -16.72 10.51 1.50
N ILE A 243 -16.71 10.51 1.51
CA ILE A 243 -15.91 9.67 2.38
CA ILE A 243 -15.86 9.63 2.27
C ILE A 243 -16.64 8.35 2.54
C ILE A 243 -16.61 8.36 2.62
N GLU A 244 -15.93 7.23 2.47
CA GLU A 244 -16.57 5.93 2.67
C GLU A 244 -15.70 5.11 3.58
N GLU A 245 -16.32 4.17 4.28
N GLU A 245 -16.35 4.19 4.31
CA GLU A 245 -15.54 3.30 5.15
CA GLU A 245 -15.67 3.38 5.33
C GLU A 245 -16.17 1.94 5.32
C GLU A 245 -16.20 1.95 5.34
N SER A 246 -15.39 1.01 5.83
CA SER A 246 -15.87 -0.33 6.08
C SER A 246 -15.08 -0.85 7.28
N PRO A 247 -15.75 -1.55 8.20
CA PRO A 247 -17.21 -1.80 8.22
C PRO A 247 -18.00 -0.55 8.60
N ALA A 248 -19.33 -0.71 8.69
CA ALA A 248 -20.20 0.34 9.21
C ALA A 248 -20.40 0.08 10.69
N ILE A 249 -19.66 0.78 11.55
CA ILE A 249 -19.74 0.48 12.98
C ILE A 249 -21.08 0.82 13.61
N LEU A 250 -21.92 1.56 12.88
CA LEU A 250 -23.29 1.81 13.32
C LEU A 250 -24.01 0.48 13.62
N LEU A 251 -23.70 -0.57 12.86
CA LEU A 251 -24.48 -1.79 12.95
C LEU A 251 -23.97 -2.71 14.05
N ASP A 252 -24.88 -3.40 14.72
CA ASP A 252 -24.44 -4.52 15.56
C ASP A 252 -24.29 -5.77 14.69
N GLU A 253 -23.73 -6.83 15.27
CA GLU A 253 -23.39 -8.00 14.50
C GLU A 253 -24.61 -8.69 13.89
N LYS A 254 -25.69 -8.80 14.66
CA LYS A 254 -26.91 -9.42 14.17
C LYS A 254 -27.42 -8.70 12.93
N THR A 255 -27.44 -7.37 12.97
CA THR A 255 -27.94 -6.60 11.84
C THR A 255 -27.01 -6.72 10.64
N ARG A 256 -25.70 -6.66 10.89
CA ARG A 256 -24.70 -6.76 9.81
C ARG A 256 -24.83 -8.12 9.10
N THR A 257 -24.95 -9.18 9.87
CA THR A 257 -25.20 -10.52 9.31
C THR A 257 -26.46 -10.58 8.46
N ARG A 258 -27.57 -10.02 8.97
N ARG A 258 -27.57 -10.04 8.98
CA ARG A 258 -28.82 -10.04 8.23
CA ARG A 258 -28.83 -10.04 8.21
C ARG A 258 -28.69 -9.20 6.96
C ARG A 258 -28.67 -9.22 6.93
N LEU A 259 -27.94 -8.11 7.02
CA LEU A 259 -27.73 -7.26 5.85
C LEU A 259 -26.93 -8.01 4.77
N HIS A 260 -25.84 -8.65 5.19
CA HIS A 260 -25.03 -9.42 4.24
C HIS A 260 -25.87 -10.53 3.56
N GLU A 261 -26.63 -11.26 4.37
N GLU A 261 -26.65 -11.28 4.33
CA GLU A 261 -27.51 -12.33 3.87
CA GLU A 261 -27.43 -12.36 3.71
C GLU A 261 -28.50 -11.80 2.83
C GLU A 261 -28.61 -11.87 2.87
N THR A 262 -29.08 -10.64 3.14
CA THR A 262 -30.09 -10.05 2.28
C THR A 262 -29.49 -9.75 0.90
N ALA A 263 -28.29 -9.19 0.89
CA ALA A 263 -27.62 -8.89 -0.37
C ALA A 263 -27.33 -10.15 -1.19
N ILE A 264 -26.90 -11.21 -0.51
CA ILE A 264 -26.63 -12.47 -1.20
C ILE A 264 -27.93 -13.02 -1.81
N LYS A 265 -28.97 -13.07 -0.99
CA LYS A 265 -30.30 -13.52 -1.44
C LYS A 265 -30.80 -12.72 -2.66
N ALA A 266 -30.65 -11.40 -2.59
CA ALA A 266 -31.06 -10.52 -3.67
C ALA A 266 -30.28 -10.84 -4.95
N ALA A 267 -28.97 -11.02 -4.84
CA ALA A 267 -28.18 -11.25 -6.04
C ALA A 267 -28.54 -12.62 -6.66
N LYS A 268 -28.78 -13.60 -5.81
CA LYS A 268 -29.14 -14.94 -6.31
C LYS A 268 -30.50 -14.94 -7.02
N ALA A 269 -31.42 -14.15 -6.49
CA ALA A 269 -32.75 -14.04 -7.04
C ALA A 269 -32.76 -13.47 -8.44
N ILE A 270 -31.77 -12.66 -8.78
CA ILE A 270 -31.75 -12.09 -10.12
C ILE A 270 -30.68 -12.71 -11.03
N GLY A 271 -30.00 -13.74 -10.54
CA GLY A 271 -29.01 -14.43 -11.34
C GLY A 271 -27.81 -13.54 -11.66
N TYR A 272 -27.33 -12.81 -10.66
CA TYR A 272 -26.35 -11.79 -10.91
C TYR A 272 -24.93 -12.35 -11.00
N GLU A 273 -24.21 -12.03 -12.06
N GLU A 273 -24.23 -12.02 -12.08
CA GLU A 273 -22.81 -12.44 -12.20
CA GLU A 273 -22.82 -12.41 -12.26
C GLU A 273 -21.97 -11.18 -12.35
C GLU A 273 -21.99 -11.14 -12.32
N GLY A 274 -20.80 -11.18 -11.75
CA GLY A 274 -19.91 -10.03 -11.79
C GLY A 274 -19.99 -9.22 -10.49
N ALA A 275 -19.28 -8.11 -10.42
CA ALA A 275 -19.31 -7.27 -9.21
C ALA A 275 -20.55 -6.38 -9.26
N GLY A 276 -21.18 -6.17 -8.11
CA GLY A 276 -22.27 -5.21 -8.04
C GLY A 276 -22.45 -4.80 -6.59
N THR A 277 -23.22 -3.76 -6.36
CA THR A 277 -23.43 -3.26 -5.01
C THR A 277 -24.92 -3.05 -4.75
N PHE A 278 -25.41 -3.54 -3.61
CA PHE A 278 -26.75 -3.25 -3.15
C PHE A 278 -26.68 -2.10 -2.17
N GLU A 279 -27.39 -1.03 -2.48
CA GLU A 279 -27.41 0.16 -1.62
C GLU A 279 -28.65 0.16 -0.74
N PHE A 280 -28.44 0.42 0.56
CA PHE A 280 -29.51 0.44 1.55
C PHE A 280 -29.46 1.75 2.32
N LEU A 281 -30.61 2.12 2.87
CA LEU A 281 -30.65 3.18 3.86
C LEU A 281 -31.01 2.51 5.18
N VAL A 282 -30.46 3.03 6.26
CA VAL A 282 -30.69 2.46 7.59
C VAL A 282 -31.28 3.58 8.44
N ASP A 283 -32.38 3.29 9.13
CA ASP A 283 -33.06 4.35 9.88
C ASP A 283 -32.66 4.34 11.34
N LYS A 284 -33.30 5.20 12.13
CA LYS A 284 -32.93 5.39 13.53
C LYS A 284 -33.11 4.12 14.36
N ASN A 285 -33.94 3.19 13.91
CA ASN A 285 -34.13 1.93 14.62
C ASN A 285 -33.20 0.84 14.12
N LEU A 286 -32.28 1.21 13.23
N LEU A 286 -32.27 1.20 13.23
CA LEU A 286 -31.35 0.26 12.61
CA LEU A 286 -31.35 0.24 12.63
C LEU A 286 -32.06 -0.77 11.71
C LEU A 286 -32.05 -0.76 11.68
N ASP A 287 -33.21 -0.39 11.16
CA ASP A 287 -33.84 -1.20 10.13
C ASP A 287 -33.28 -0.74 8.80
N PHE A 288 -33.07 -1.67 7.89
CA PHE A 288 -32.47 -1.32 6.62
C PHE A 288 -33.44 -1.56 5.47
N TYR A 289 -33.30 -0.78 4.41
CA TYR A 289 -34.19 -0.91 3.25
C TYR A 289 -33.38 -0.77 1.98
N PHE A 290 -33.63 -1.65 1.01
CA PHE A 290 -32.98 -1.55 -0.28
C PHE A 290 -33.45 -0.25 -0.95
N ILE A 291 -32.53 0.51 -1.55
CA ILE A 291 -32.95 1.61 -2.42
C ILE A 291 -32.56 1.44 -3.88
N GLU A 292 -31.41 0.83 -4.16
CA GLU A 292 -31.08 0.48 -5.55
C GLU A 292 -29.91 -0.47 -5.62
N ASN A 294 -26.39 -1.01 -7.97
CA ASN A 294 -25.53 -0.62 -9.10
C ASN A 294 -24.92 -1.86 -9.74
N THR A 295 -25.22 -2.10 -11.01
CA THR A 295 -24.85 -3.37 -11.65
C THR A 295 -23.48 -3.21 -12.32
N ARG A 296 -22.48 -2.89 -11.49
CA ARG A 296 -21.15 -2.51 -11.95
C ARG A 296 -20.28 -2.29 -10.71
N LEU A 297 -18.97 -2.13 -10.93
CA LEU A 297 -18.08 -1.71 -9.86
C LEU A 297 -18.45 -0.28 -9.44
N GLN A 298 -18.16 0.09 -8.19
CA GLN A 298 -18.32 1.50 -7.77
C GLN A 298 -16.99 2.18 -7.46
N VAL A 299 -17.03 3.52 -7.38
CA VAL A 299 -15.83 4.30 -7.13
C VAL A 299 -15.11 3.81 -5.87
N GLU A 300 -15.89 3.50 -4.83
CA GLU A 300 -15.33 3.29 -3.49
C GLU A 300 -14.95 1.83 -3.23
N HIS A 301 -14.80 1.03 -4.28
CA HIS A 301 -14.51 -0.38 -4.10
C HIS A 301 -13.22 -0.66 -3.32
N CYS A 302 -12.24 0.25 -3.37
CA CYS A 302 -10.96 0.01 -2.68
C CYS A 302 -11.10 -0.19 -1.18
N VAL A 303 -12.13 0.44 -0.62
N VAL A 303 -12.09 0.45 -0.54
CA VAL A 303 -12.41 0.33 0.79
CA VAL A 303 -12.17 0.22 0.90
C VAL A 303 -12.61 -1.13 1.16
C VAL A 303 -12.55 -1.23 1.19
N SER A 304 -13.39 -1.83 0.34
CA SER A 304 -13.73 -3.23 0.57
C SER A 304 -12.52 -4.13 0.27
N GLU A 305 -11.70 -3.74 -0.70
CA GLU A 305 -10.45 -4.49 -0.97
C GLU A 305 -9.53 -4.51 0.25
N VAL A 307 -10.15 -4.19 3.54
CA VAL A 307 -10.60 -5.01 4.67
C VAL A 307 -10.70 -6.51 4.33
N SER A 308 -10.85 -6.84 3.05
CA SER A 308 -11.08 -8.25 2.67
C SER A 308 -9.86 -8.95 2.09
N GLY A 309 -8.86 -8.19 1.67
CA GLY A 309 -7.72 -8.80 0.97
C GLY A 309 -8.04 -9.28 -0.44
N ILE A 310 -9.20 -8.90 -0.98
CA ILE A 310 -9.62 -9.34 -2.32
C ILE A 310 -9.32 -8.24 -3.34
N ASP A 311 -8.78 -8.61 -4.49
CA ASP A 311 -8.73 -7.70 -5.63
C ASP A 311 -10.05 -7.87 -6.40
N ILE A 312 -10.96 -6.91 -6.31
CA ILE A 312 -12.30 -7.11 -6.86
C ILE A 312 -12.24 -7.19 -8.38
N ILE A 313 -11.39 -6.39 -9.00
CA ILE A 313 -11.29 -6.41 -10.44
C ILE A 313 -10.71 -7.76 -10.91
N GLU A 314 -9.72 -8.28 -10.19
CA GLU A 314 -9.23 -9.62 -10.49
C GLU A 314 -10.37 -10.63 -10.50
N GLN A 315 -11.23 -10.58 -9.48
CA GLN A 315 -12.35 -11.51 -9.39
C GLN A 315 -13.35 -11.30 -10.55
N ILE A 317 -12.67 -10.37 -13.52
CA ILE A 317 -12.05 -10.94 -14.71
C ILE A 317 -12.14 -12.47 -14.66
N LYS A 318 -11.79 -13.06 -13.52
N LYS A 318 -11.81 -13.06 -13.52
CA LYS A 318 -11.88 -14.51 -13.40
CA LYS A 318 -11.87 -14.51 -13.37
C LYS A 318 -13.30 -15.01 -13.66
C LYS A 318 -13.28 -15.07 -13.56
N VAL A 319 -14.28 -14.35 -13.08
CA VAL A 319 -15.68 -14.73 -13.30
C VAL A 319 -16.05 -14.72 -14.79
N ALA A 320 -15.54 -13.71 -15.50
CA ALA A 320 -15.80 -13.55 -16.93
C ALA A 320 -15.10 -14.67 -17.72
N GLU A 321 -14.04 -15.23 -17.15
CA GLU A 321 -13.34 -16.36 -17.78
C GLU A 321 -13.95 -17.70 -17.42
N GLY A 322 -15.01 -17.70 -16.63
CA GLY A 322 -15.69 -18.94 -16.30
C GLY A 322 -15.22 -19.62 -15.02
N TYR A 323 -14.42 -18.93 -14.20
CA TYR A 323 -13.95 -19.53 -12.95
C TYR A 323 -14.97 -19.37 -11.84
N ALA A 324 -14.85 -20.22 -10.81
CA ALA A 324 -15.65 -20.13 -9.60
C ALA A 324 -15.01 -19.18 -8.60
N LEU A 325 -15.85 -18.44 -7.88
CA LEU A 325 -15.36 -17.50 -6.86
C LEU A 325 -14.81 -18.28 -5.66
N PRO A 326 -13.95 -17.64 -4.85
CA PRO A 326 -13.54 -18.30 -3.61
C PRO A 326 -14.74 -18.47 -2.69
N SER A 327 -14.64 -19.39 -1.73
CA SER A 327 -15.76 -19.64 -0.85
C SER A 327 -15.93 -18.42 0.06
N GLN A 328 -17.14 -18.22 0.56
CA GLN A 328 -17.38 -17.14 1.51
C GLN A 328 -16.57 -17.38 2.78
N GLU A 329 -16.47 -18.64 3.18
CA GLU A 329 -15.65 -18.99 4.35
C GLU A 329 -14.21 -18.47 4.26
N SER A 330 -13.63 -18.47 3.06
N SER A 330 -13.63 -18.50 3.06
CA SER A 330 -12.26 -17.99 2.84
CA SER A 330 -12.23 -18.12 2.86
C SER A 330 -12.12 -16.46 2.87
C SER A 330 -12.03 -16.62 3.01
N ILE A 331 -13.24 -15.76 2.88
N ILE A 331 -13.09 -15.85 2.80
CA ILE A 331 -13.18 -14.31 2.88
CA ILE A 331 -12.99 -14.40 2.86
C ILE A 331 -13.11 -13.86 4.34
C ILE A 331 -13.06 -13.92 4.30
N LYS A 332 -12.00 -13.26 4.72
CA LYS A 332 -11.88 -12.76 6.08
C LYS A 332 -11.88 -11.25 6.04
N LEU A 333 -12.78 -10.64 6.80
CA LEU A 333 -12.88 -9.18 6.86
C LEU A 333 -12.18 -8.77 8.15
N ASN A 334 -11.15 -7.94 8.03
CA ASN A 334 -10.36 -7.51 9.20
C ASN A 334 -10.13 -6.01 9.18
N GLY A 335 -10.08 -5.42 10.36
CA GLY A 335 -9.70 -4.02 10.51
C GLY A 335 -10.77 -3.06 9.97
N HIS A 336 -10.29 -1.87 9.60
CA HIS A 336 -11.17 -0.78 9.25
C HIS A 336 -10.46 0.04 8.17
N SER A 337 -11.19 0.39 7.12
N SER A 337 -11.19 0.36 7.10
CA SER A 337 -10.61 1.17 6.04
CA SER A 337 -10.61 1.18 6.05
C SER A 337 -11.47 2.42 5.81
C SER A 337 -11.47 2.42 5.81
N ILE A 338 -10.82 3.52 5.44
CA ILE A 338 -11.54 4.76 5.15
C ILE A 338 -10.97 5.28 3.86
N GLU A 339 -11.83 5.82 3.03
CA GLU A 339 -11.40 6.49 1.81
C GLU A 339 -11.93 7.93 1.78
N CYS A 340 -11.06 8.88 1.43
CA CYS A 340 -11.45 10.28 1.19
C CYS A 340 -11.25 10.61 -0.31
N ARG A 341 -12.28 11.16 -0.96
CA ARG A 341 -12.15 11.52 -2.37
C ARG A 341 -11.54 12.91 -2.53
N ILE A 342 -10.32 12.96 -3.03
CA ILE A 342 -9.63 14.23 -3.16
C ILE A 342 -9.97 14.80 -4.53
N THR A 343 -10.61 15.96 -4.56
CA THR A 343 -10.97 16.56 -5.84
C THR A 343 -10.36 17.95 -5.97
N ALA A 344 -10.28 18.41 -7.22
CA ALA A 344 -9.78 19.75 -7.50
C ALA A 344 -10.93 20.74 -7.36
N GLU A 345 -11.32 20.96 -6.11
CA GLU A 345 -12.37 21.91 -5.77
C GLU A 345 -11.94 22.63 -4.50
N ASP A 346 -12.46 23.84 -4.30
CA ASP A 346 -12.20 24.58 -3.07
C ASP A 346 -12.81 23.82 -1.88
N SER A 347 -12.04 23.68 -0.80
N SER A 347 -12.05 23.70 -0.80
CA SER A 347 -12.50 22.94 0.37
CA SER A 347 -12.49 22.92 0.37
C SER A 347 -13.76 23.49 1.04
C SER A 347 -13.64 23.54 1.17
N LYS A 348 -13.98 24.79 0.88
CA LYS A 348 -15.16 25.43 1.51
C LYS A 348 -16.35 25.54 0.55
N THR A 349 -16.09 25.96 -0.69
CA THR A 349 -17.20 26.22 -1.63
C THR A 349 -17.47 25.05 -2.54
N PHE A 350 -16.52 24.14 -2.61
CA PHE A 350 -16.61 23.00 -3.52
C PHE A 350 -16.71 23.41 -4.99
N LEU A 351 -16.29 24.63 -5.31
CA LEU A 351 -16.29 25.06 -6.71
C LEU A 351 -15.01 24.58 -7.39
N PRO A 352 -15.12 24.14 -8.65
CA PRO A 352 -13.98 23.55 -9.38
C PRO A 352 -12.75 24.45 -9.42
N SER A 353 -11.57 23.83 -9.42
CA SER A 353 -10.33 24.57 -9.48
C SER A 353 -9.46 23.94 -10.55
N PRO A 354 -9.83 24.13 -11.83
CA PRO A 354 -9.03 23.50 -12.90
C PRO A 354 -7.67 24.17 -13.03
N GLY A 355 -6.70 23.48 -13.63
CA GLY A 355 -5.41 24.09 -13.84
C GLY A 355 -4.27 23.08 -13.78
N LYS A 356 -3.04 23.57 -13.88
CA LYS A 356 -1.86 22.71 -13.91
C LYS A 356 -1.32 22.46 -12.52
N ILE A 357 -1.09 21.19 -12.21
CA ILE A 357 -0.44 20.81 -10.96
C ILE A 357 1.07 21.10 -11.04
N THR A 358 1.55 22.05 -10.23
CA THR A 358 2.94 22.48 -10.29
C THR A 358 3.77 21.77 -9.24
N LYS A 359 3.10 21.16 -8.27
CA LYS A 359 3.78 20.29 -7.32
C LYS A 359 2.85 19.15 -6.98
N TYR A 360 3.40 17.94 -6.97
CA TYR A 360 2.61 16.78 -6.62
C TYR A 360 3.47 15.77 -5.87
N ILE A 361 3.22 15.65 -4.57
CA ILE A 361 3.89 14.64 -3.76
C ILE A 361 2.82 13.86 -3.02
N PRO A 362 2.60 12.60 -3.41
CA PRO A 362 1.52 11.83 -2.80
C PRO A 362 1.95 11.23 -1.48
N PRO A 363 0.98 10.94 -0.60
CA PRO A 363 1.36 10.26 0.64
C PRO A 363 1.69 8.80 0.31
N ALA A 364 2.39 8.15 1.21
CA ALA A 364 2.69 6.73 1.05
C ALA A 364 2.79 6.20 2.47
N GLY A 365 3.37 5.03 2.62
CA GLY A 365 3.51 4.47 3.95
C GLY A 365 2.74 3.18 4.06
N ARG A 366 2.88 2.54 5.21
CA ARG A 366 2.25 1.26 5.47
C ARG A 366 0.72 1.39 5.41
N ASN A 367 0.10 0.56 4.57
N ASN A 367 0.08 0.55 4.60
CA ASN A 367 -1.36 0.50 4.48
CA ASN A 367 -1.38 0.51 4.54
C ASN A 367 -1.99 1.85 4.09
C ASN A 367 -2.01 1.83 4.07
N VAL A 368 -1.27 2.57 3.25
CA VAL A 368 -1.78 3.79 2.64
C VAL A 368 -1.81 3.57 1.14
N ARG A 369 -2.96 3.82 0.53
CA ARG A 369 -3.14 3.58 -0.88
C ARG A 369 -3.71 4.85 -1.53
N GLU A 371 -4.95 6.27 -4.82
CA GLU A 371 -5.40 5.84 -6.13
C GLU A 371 -5.59 7.09 -6.99
N SER A 372 -4.63 7.36 -7.85
CA SER A 372 -4.64 8.59 -8.62
C SER A 372 -3.85 8.45 -9.91
N HIS A 373 -4.33 9.08 -10.97
CA HIS A 373 -3.59 9.15 -12.22
C HIS A 373 -2.83 10.47 -12.36
N CYS A 374 -2.86 11.30 -11.32
CA CYS A 374 -2.20 12.60 -11.42
C CYS A 374 -0.69 12.51 -11.23
N TYR A 375 0.01 13.55 -11.69
CA TYR A 375 1.46 13.63 -11.55
C TYR A 375 1.87 15.09 -11.69
N GLN A 376 3.06 15.43 -11.23
N GLN A 376 3.06 15.43 -11.21
CA GLN A 376 3.53 16.81 -11.30
CA GLN A 376 3.51 16.81 -11.34
C GLN A 376 3.61 17.27 -12.75
C GLN A 376 3.51 17.23 -12.80
N ASP A 377 2.97 18.41 -13.05
CA ASP A 377 2.86 18.98 -14.41
C ASP A 377 1.60 18.56 -15.16
N TYR A 378 0.82 17.66 -14.60
CA TYR A 378 -0.46 17.27 -15.20
C TYR A 378 -1.50 18.38 -15.06
N SER A 379 -2.24 18.65 -16.13
CA SER A 379 -3.35 19.60 -16.07
C SER A 379 -4.66 18.93 -15.74
N VAL A 380 -5.31 19.36 -14.66
CA VAL A 380 -6.59 18.80 -14.25
C VAL A 380 -7.76 19.60 -14.83
N PRO A 381 -8.62 18.92 -15.60
N PRO A 381 -8.46 19.03 -15.83
CA PRO A 381 -9.80 19.52 -16.24
CA PRO A 381 -9.59 19.74 -16.43
C PRO A 381 -10.99 19.49 -15.27
C PRO A 381 -10.89 19.40 -15.73
N ALA A 382 -10.84 20.16 -14.12
N ALA A 382 -11.64 20.41 -15.30
CA ALA A 382 -11.82 20.09 -13.05
CA ALA A 382 -12.91 20.17 -14.61
C ALA A 382 -13.26 20.39 -13.50
C ALA A 382 -13.97 19.55 -15.52
N TYR A 383 -13.41 21.13 -14.59
N TYR A 383 -13.65 19.32 -16.79
CA TYR A 383 -14.73 21.43 -15.16
CA TYR A 383 -14.70 19.01 -17.77
C TYR A 383 -15.43 20.16 -15.65
C TYR A 383 -15.14 17.53 -17.93
N TYR A 384 -14.65 19.17 -16.06
N TYR A 384 -14.27 16.57 -17.68
CA TYR A 384 -15.18 17.90 -16.59
CA TYR A 384 -14.76 15.19 -17.50
C TYR A 384 -15.08 16.74 -15.60
C TYR A 384 -15.10 15.02 -16.03
N ASP A 385 -13.88 16.51 -15.08
N ASP A 385 -14.21 15.54 -15.19
CA ASP A 385 -13.62 15.48 -14.07
CA ASP A 385 -14.16 15.25 -13.77
C ASP A 385 -12.82 16.11 -12.96
C ASP A 385 -13.18 16.20 -13.07
N SER A 386 -13.41 16.35 -11.78
CA SER A 386 -12.58 17.08 -10.83
C SER A 386 -11.77 16.12 -9.96
N ILE A 388 -8.98 14.07 -8.38
CA ILE A 388 -7.53 14.05 -8.34
C ILE A 388 -7.12 12.61 -7.98
N GLY A 389 -7.68 12.10 -6.89
CA GLY A 389 -7.44 10.72 -6.50
C GLY A 389 -8.22 10.33 -5.27
N LYS A 390 -8.23 9.02 -4.98
CA LYS A 390 -8.88 8.54 -3.79
C LYS A 390 -7.78 8.13 -2.82
N LEU A 391 -7.83 8.68 -1.62
CA LEU A 391 -6.82 8.33 -0.62
C LEU A 391 -7.48 7.31 0.29
N VAL A 392 -6.89 6.12 0.39
CA VAL A 392 -7.48 5.05 1.13
C VAL A 392 -6.47 4.56 2.16
N VAL A 393 -6.92 4.36 3.39
CA VAL A 393 -6.05 3.79 4.42
C VAL A 393 -6.73 2.64 5.10
N TRP A 394 -5.92 1.80 5.76
CA TRP A 394 -6.45 0.69 6.53
C TRP A 394 -5.70 0.65 7.85
N ALA A 395 -6.40 0.33 8.92
CA ALA A 395 -5.76 0.09 10.21
C ALA A 395 -6.57 -0.90 11.01
N GLU A 396 -6.11 -1.21 12.21
N GLU A 396 -6.08 -1.24 12.19
CA GLU A 396 -6.68 -2.28 12.98
CA GLU A 396 -6.68 -2.29 13.02
C GLU A 396 -8.03 -1.92 13.59
C GLU A 396 -8.09 -1.92 13.49
N ASP A 397 -8.31 -0.63 13.73
CA ASP A 397 -9.62 -0.18 14.19
C ASP A 397 -9.90 1.23 13.66
N ARG A 398 -11.12 1.72 13.88
CA ARG A 398 -11.53 3.00 13.26
C ARG A 398 -10.69 4.19 13.70
N ASN A 399 -10.45 4.34 15.01
CA ASN A 399 -9.65 5.48 15.48
C ASN A 399 -8.23 5.46 14.91
N LYS A 400 -7.65 4.27 14.82
CA LYS A 400 -6.33 4.14 14.19
C LYS A 400 -6.38 4.52 12.72
N ALA A 401 -7.46 4.13 12.04
CA ALA A 401 -7.60 4.51 10.63
C ALA A 401 -7.78 6.02 10.48
N ILE A 402 -8.56 6.64 11.37
CA ILE A 402 -8.71 8.09 11.31
C ILE A 402 -7.33 8.75 11.52
N ALA A 403 -6.56 8.26 12.48
CA ALA A 403 -5.23 8.85 12.72
C ALA A 403 -4.30 8.69 11.51
N LYS A 404 -4.34 7.53 10.85
N LYS A 404 -4.35 7.52 10.85
CA LYS A 404 -3.52 7.29 9.67
CA LYS A 404 -3.55 7.30 9.65
C LYS A 404 -3.98 8.19 8.50
C LYS A 404 -3.98 8.26 8.54
N LYS A 406 -5.34 11.19 8.74
N LYS A 406 -5.33 11.20 8.73
CA LYS A 406 -4.86 12.53 9.07
CA LYS A 406 -4.85 12.57 8.97
C LYS A 406 -3.39 12.70 8.64
C LYS A 406 -3.37 12.70 8.61
N VAL A 407 -2.56 11.74 9.02
CA VAL A 407 -1.14 11.78 8.65
C VAL A 407 -0.96 11.77 7.11
N ALA A 408 -1.70 10.88 6.41
CA ALA A 408 -1.61 10.78 4.96
C ALA A 408 -2.11 12.06 4.26
N LEU A 409 -3.23 12.60 4.72
CA LEU A 409 -3.73 13.86 4.15
C LEU A 409 -2.69 14.98 4.34
N ASP A 410 -2.11 15.06 5.53
CA ASP A 410 -1.08 16.07 5.83
C ASP A 410 0.11 15.97 4.86
N GLU A 411 0.47 14.76 4.48
N GLU A 411 0.49 14.74 4.52
CA GLU A 411 1.65 14.56 3.66
CA GLU A 411 1.63 14.49 3.62
C GLU A 411 1.37 14.67 2.16
C GLU A 411 1.35 14.96 2.21
N LEU A 412 0.11 14.78 1.79
CA LEU A 412 -0.27 15.04 0.40
C LEU A 412 0.02 16.49 0.05
N LEU A 413 0.97 16.72 -0.86
CA LEU A 413 1.35 18.07 -1.21
C LEU A 413 0.99 18.32 -2.67
N ILE A 414 0.04 19.23 -2.88
CA ILE A 414 -0.39 19.57 -4.22
C ILE A 414 -0.40 21.09 -4.34
N SER A 415 0.26 21.61 -5.37
CA SER A 415 0.24 23.05 -5.60
C SER A 415 -0.22 23.34 -7.02
N GLY A 416 -0.77 24.54 -7.22
CA GLY A 416 -1.17 25.01 -8.54
C GLY A 416 -2.67 25.02 -8.71
N ILE A 417 -3.37 24.19 -7.95
CA ILE A 417 -4.82 24.15 -7.93
C ILE A 417 -5.26 23.97 -6.48
N LYS A 418 -6.52 24.32 -6.19
CA LYS A 418 -7.11 24.03 -4.87
C LYS A 418 -7.56 22.58 -4.82
N THR A 419 -7.59 21.98 -3.63
CA THR A 419 -8.17 20.64 -3.47
C THR A 419 -9.02 20.55 -2.22
N THR A 420 -9.76 19.45 -2.08
CA THR A 420 -10.57 19.24 -0.89
C THR A 420 -9.78 18.58 0.27
N LYS A 421 -8.46 18.54 0.14
CA LYS A 421 -7.61 18.05 1.23
C LYS A 421 -7.99 18.64 2.60
N ASP A 422 -8.08 19.98 2.68
CA ASP A 422 -8.41 20.62 3.96
C ASP A 422 -9.81 20.28 4.45
N PHE A 423 -10.74 20.06 3.53
CA PHE A 423 -12.07 19.59 3.94
C PHE A 423 -11.95 18.24 4.65
N HIS A 424 -11.22 17.32 4.04
CA HIS A 424 -11.12 16.00 4.65
C HIS A 424 -10.35 16.03 5.97
N LEU A 425 -9.33 16.87 6.05
CA LEU A 425 -8.65 17.04 7.32
C LEU A 425 -9.59 17.54 8.42
N SER A 426 -10.47 18.48 8.09
N SER A 426 -10.40 18.55 8.13
CA SER A 426 -11.46 18.95 9.07
CA SER A 426 -11.29 19.07 9.16
C SER A 426 -12.52 17.89 9.41
C SER A 426 -12.22 17.95 9.61
N GLU A 429 -10.90 15.52 12.04
N GLU A 429 -10.92 15.54 12.00
CA GLU A 429 -10.84 16.13 13.37
CA GLU A 429 -10.82 16.23 13.28
C GLU A 429 -12.22 16.49 13.92
C GLU A 429 -12.20 16.65 13.82
N ASN A 430 -13.25 16.27 13.11
CA ASN A 430 -14.62 16.66 13.51
C ASN A 430 -15.18 15.66 14.53
N PRO A 431 -15.52 16.13 15.75
CA PRO A 431 -15.96 15.14 16.75
C PRO A 431 -17.22 14.38 16.34
N ASP A 432 -18.09 14.99 15.55
CA ASP A 432 -19.29 14.26 15.10
C ASP A 432 -18.88 13.07 14.20
N PHE A 433 -17.85 13.25 13.38
CA PHE A 433 -17.36 12.15 12.56
C PHE A 433 -16.76 11.06 13.45
N ILE A 434 -15.90 11.50 14.37
CA ILE A 434 -15.22 10.57 15.26
C ILE A 434 -16.25 9.78 16.08
N ASN A 435 -17.29 10.48 16.54
CA ASN A 435 -18.30 9.88 17.40
C ASN A 435 -19.38 9.14 16.62
N ASN A 436 -19.27 9.16 15.30
CA ASN A 436 -20.23 8.49 14.42
C ASN A 436 -21.63 9.07 14.47
N ASN A 437 -21.73 10.37 14.71
N ASN A 437 -21.71 10.37 14.68
CA ASN A 437 -23.01 11.05 14.82
CA ASN A 437 -22.98 11.07 14.82
C ASN A 437 -23.24 11.95 13.62
C ASN A 437 -23.25 11.96 13.62
N TYR A 438 -23.61 11.36 12.49
CA TYR A 438 -23.90 12.12 11.29
C TYR A 438 -24.82 11.28 10.42
N ASP A 439 -25.15 11.80 9.24
CA ASP A 439 -26.07 11.14 8.34
C ASP A 439 -25.93 11.83 6.99
N THR A 440 -26.72 11.41 6.01
CA THR A 440 -26.56 11.92 4.67
C THR A 440 -26.84 13.42 4.55
N ASN A 441 -27.55 13.97 5.53
CA ASN A 441 -27.84 15.40 5.48
C ASN A 441 -26.95 16.25 6.38
N TYR A 442 -26.00 15.62 7.06
CA TYR A 442 -25.13 16.35 8.01
C TYR A 442 -24.47 17.58 7.39
N LEU A 443 -23.88 17.41 6.21
CA LEU A 443 -23.14 18.52 5.62
C LEU A 443 -24.08 19.68 5.27
N ALA A 444 -25.32 19.37 4.89
CA ALA A 444 -26.32 20.39 4.60
C ALA A 444 -26.72 21.23 5.83
N ARG A 445 -26.67 20.63 7.02
N ARG A 445 -26.65 20.62 7.02
CA ARG A 445 -27.04 21.35 8.25
CA ARG A 445 -27.02 21.30 8.27
C ARG A 445 -25.87 22.16 8.81
C ARG A 445 -25.82 21.93 8.96
N HIS A 446 -24.68 21.94 8.27
CA HIS A 446 -23.45 22.52 8.83
C HIS A 446 -22.66 23.34 7.80
N GLU B 5 5.21 6.45 29.32
CA GLU B 5 4.79 6.94 28.01
C GLU B 5 5.78 7.93 27.41
N ILE B 6 6.10 7.77 26.13
CA ILE B 6 7.01 8.66 25.43
C ILE B 6 6.20 9.70 24.67
N LYS B 7 6.49 10.99 24.86
CA LYS B 7 5.66 12.02 24.24
C LYS B 7 6.23 12.60 22.95
N SER B 8 7.55 12.54 22.83
CA SER B 8 8.26 13.24 21.77
C SER B 8 9.56 12.49 21.43
N ILE B 9 9.72 12.15 20.16
CA ILE B 9 10.86 11.33 19.75
C ILE B 9 11.72 12.07 18.73
N LEU B 10 13.01 12.21 19.04
CA LEU B 10 13.95 12.72 18.06
C LEU B 10 14.47 11.59 17.17
N ILE B 11 14.39 11.80 15.85
CA ILE B 11 14.85 10.82 14.89
C ILE B 11 16.31 11.16 14.53
N ALA B 12 17.23 10.37 15.08
CA ALA B 12 18.66 10.69 14.91
C ALA B 12 19.14 10.01 13.65
N ASN B 13 18.60 10.42 12.51
CA ASN B 13 18.94 9.76 11.25
C ASN B 13 18.44 10.64 10.10
N ARG B 14 18.57 10.13 8.88
CA ARG B 14 18.26 10.94 7.71
C ARG B 14 17.71 10.04 6.62
N GLY B 15 17.29 10.62 5.50
CA GLY B 15 16.93 9.82 4.34
C GLY B 15 15.64 9.05 4.53
N GLU B 16 15.52 7.91 3.85
N GLU B 16 15.54 7.92 3.84
CA GLU B 16 14.24 7.21 3.83
CA GLU B 16 14.29 7.17 3.81
C GLU B 16 13.80 6.74 5.22
C GLU B 16 13.82 6.73 5.20
N ILE B 17 14.76 6.32 6.05
CA ILE B 17 14.41 5.82 7.40
C ILE B 17 13.86 6.91 8.31
N ALA B 18 14.32 8.15 8.12
CA ALA B 18 13.75 9.25 8.86
C ALA B 18 12.26 9.42 8.55
N LEU B 19 11.90 9.34 7.26
CA LEU B 19 10.52 9.52 6.85
C LEU B 19 9.67 8.34 7.32
N ARG B 20 10.21 7.14 7.16
CA ARG B 20 9.56 5.91 7.66
C ARG B 20 9.21 6.03 9.15
N ALA B 21 10.18 6.44 9.96
CA ALA B 21 9.99 6.57 11.40
C ALA B 21 8.96 7.65 11.72
N LEU B 22 9.09 8.79 11.06
CA LEU B 22 8.20 9.91 11.32
C LEU B 22 6.73 9.53 11.15
N ARG B 23 6.43 8.77 10.10
N ARG B 23 6.43 8.78 10.09
CA ARG B 23 5.05 8.37 9.85
CA ARG B 23 5.06 8.37 9.87
C ARG B 23 4.45 7.55 10.98
C ARG B 23 4.49 7.62 11.06
N THR B 24 5.20 6.60 11.51
CA THR B 24 4.69 5.80 12.64
C THR B 24 4.56 6.65 13.91
N ILE B 25 5.57 7.49 14.15
CA ILE B 25 5.56 8.35 15.34
C ILE B 25 4.34 9.29 15.34
N LYS B 26 4.12 9.97 14.23
CA LYS B 26 2.97 10.88 14.16
C LYS B 26 1.63 10.12 14.21
N GLU B 27 1.54 8.96 13.56
CA GLU B 27 0.29 8.18 13.66
C GLU B 27 -0.02 7.81 15.09
N GLY B 29 0.44 9.64 17.51
CA GLY B 29 0.09 10.85 18.24
C GLY B 29 1.25 11.41 19.06
N LYS B 30 2.47 11.04 18.68
CA LYS B 30 3.64 11.55 19.40
C LYS B 30 4.32 12.60 18.56
N LYS B 31 5.12 13.46 19.18
CA LYS B 31 5.84 14.48 18.40
C LYS B 31 7.01 13.83 17.68
N ALA B 32 7.24 14.19 16.42
CA ALA B 32 8.39 13.71 15.66
C ALA B 32 9.33 14.88 15.45
N ILE B 33 10.55 14.76 15.97
CA ILE B 33 11.55 15.82 15.88
C ILE B 33 12.62 15.33 14.93
N CYS B 34 12.90 16.09 13.88
CA CYS B 34 13.94 15.67 12.93
C CYS B 34 15.21 16.49 13.08
N VAL B 35 16.33 15.93 12.62
CA VAL B 35 17.59 16.66 12.58
C VAL B 35 18.10 16.64 11.16
N TYR B 36 18.90 17.64 10.80
CA TYR B 36 19.47 17.69 9.46
C TYR B 36 20.82 18.42 9.45
N SER B 37 21.73 17.92 8.61
CA SER B 37 22.94 18.67 8.29
C SER B 37 22.52 19.72 7.28
N GLU B 38 23.37 20.70 7.01
CA GLU B 38 23.01 21.75 6.09
C GLU B 38 22.80 21.21 4.67
N ALA B 39 23.49 20.13 4.36
CA ALA B 39 23.34 19.46 3.07
C ALA B 39 21.95 18.85 2.88
N ASP B 40 21.26 18.56 3.97
CA ASP B 40 19.98 17.88 3.90
C ASP B 40 18.77 18.81 4.14
N LYS B 41 18.96 20.12 3.96
N LYS B 41 18.98 20.12 3.95
CA LYS B 41 17.89 21.07 4.24
CA LYS B 41 17.95 21.11 4.25
C LYS B 41 16.72 20.92 3.26
C LYS B 41 16.66 20.92 3.45
N ASP B 42 16.97 20.16 2.20
N ASP B 42 16.77 20.32 2.28
CA ASP B 42 15.97 19.90 1.17
CA ASP B 42 15.60 20.12 1.43
C ASP B 42 15.19 18.61 1.43
C ASP B 42 14.99 18.73 1.56
N ALA B 43 15.43 17.96 2.56
CA ALA B 43 14.86 16.64 2.82
C ALA B 43 13.35 16.70 3.05
N LEU B 44 12.61 15.79 2.40
CA LEU B 44 11.16 15.86 2.41
C LEU B 44 10.57 15.79 3.83
N TYR B 45 11.08 14.88 4.66
CA TYR B 45 10.50 14.67 5.99
C TYR B 45 10.56 15.93 6.86
N LEU B 46 11.46 16.87 6.56
CA LEU B 46 11.53 18.09 7.36
C LEU B 46 10.23 18.88 7.23
N LYS B 47 9.56 18.74 6.11
N LYS B 47 9.56 18.73 6.10
CA LYS B 47 8.29 19.45 5.91
CA LYS B 47 8.30 19.44 5.87
C LYS B 47 7.24 18.89 6.86
C LYS B 47 7.17 18.84 6.70
N TYR B 48 7.38 17.63 7.22
CA TYR B 48 6.34 16.91 7.95
C TYR B 48 6.57 16.85 9.45
N ALA B 49 7.78 17.18 9.89
CA ALA B 49 8.14 17.01 11.30
C ALA B 49 7.47 18.06 12.17
N ASP B 50 7.27 17.73 13.45
CA ASP B 50 6.79 18.74 14.39
C ASP B 50 7.82 19.82 14.62
N ALA B 51 9.09 19.47 14.58
CA ALA B 51 10.16 20.47 14.62
C ALA B 51 11.38 19.84 13.98
N SER B 52 12.24 20.68 13.41
N SER B 52 12.25 20.67 13.40
CA SER B 52 13.49 20.22 12.81
CA SER B 52 13.50 20.17 12.82
C SER B 52 14.65 21.07 13.32
C SER B 52 14.66 21.06 13.25
N ILE B 53 15.76 20.42 13.62
CA ILE B 53 16.91 21.12 14.17
C ILE B 53 18.11 20.88 13.25
N CYS B 54 18.76 21.95 12.83
CA CYS B 54 19.97 21.80 12.02
C CYS B 54 21.13 21.48 12.95
N ILE B 55 21.79 20.35 12.72
CA ILE B 55 22.80 19.90 13.66
C ILE B 55 24.24 20.11 13.19
N GLY B 56 24.45 20.81 12.08
CA GLY B 56 25.81 21.11 11.67
C GLY B 56 26.05 21.05 10.18
N LYS B 57 27.32 21.13 9.79
CA LYS B 57 27.76 21.05 8.40
C LYS B 57 27.62 19.65 7.82
N ALA B 58 27.48 19.61 6.50
N ALA B 58 27.57 19.57 6.49
CA ALA B 58 27.33 18.37 5.78
CA ALA B 58 27.42 18.28 5.79
C ALA B 58 28.36 17.37 6.23
C ALA B 58 28.20 17.11 6.40
N ARG B 59 29.59 17.56 5.76
N ARG B 59 29.51 17.30 6.59
CA ARG B 59 30.62 16.53 5.88
CA ARG B 59 30.39 16.25 7.11
C ARG B 59 29.93 15.19 6.03
C ARG B 59 29.68 15.42 8.19
N SER B 60 29.08 14.86 5.07
N SER B 60 29.65 14.11 8.00
CA SER B 60 28.46 13.55 4.99
CA SER B 60 28.96 13.20 8.93
C SER B 60 27.77 13.13 6.29
C SER B 60 29.45 13.32 10.38
N SER B 61 28.33 12.13 6.97
N SER B 61 30.76 13.46 10.56
CA SER B 61 27.73 11.59 8.18
CA SER B 61 31.30 13.60 11.91
C SER B 61 28.16 12.35 9.43
C SER B 61 30.94 14.93 12.56
N GLU B 62 29.19 13.19 9.29
N GLU B 62 30.46 15.88 11.75
CA GLU B 62 29.86 13.77 10.44
CA GLU B 62 30.10 17.21 12.22
C GLU B 62 28.91 14.37 11.49
C GLU B 62 28.59 17.36 12.38
N SER B 63 28.07 15.32 11.08
N SER B 63 27.87 16.40 11.81
CA SER B 63 27.17 15.97 12.03
CA SER B 63 26.41 16.39 11.85
C SER B 63 26.18 14.96 12.65
C SER B 63 25.87 15.15 12.57
N TYR B 64 25.64 14.08 11.81
CA TYR B 64 24.82 12.97 12.29
C TYR B 64 25.53 12.04 13.29
N LEU B 65 26.87 12.10 13.34
CA LEU B 65 27.63 11.31 14.32
C LEU B 65 28.10 12.18 15.48
N ASN B 66 27.75 13.46 15.43
CA ASN B 66 28.14 14.39 16.47
C ASN B 66 27.24 14.23 17.67
N ILE B 67 27.65 13.40 18.63
CA ILE B 67 26.81 13.11 19.79
C ILE B 67 26.38 14.36 20.57
N PRO B 68 27.32 15.27 20.89
CA PRO B 68 26.84 16.47 21.60
C PRO B 68 25.75 17.24 20.84
N ALA B 69 25.89 17.36 19.52
CA ALA B 69 24.88 18.08 18.74
C ALA B 69 23.53 17.36 18.76
N ILE B 70 23.55 16.03 18.67
CA ILE B 70 22.29 15.28 18.68
C ILE B 70 21.62 15.41 20.04
N ILE B 71 22.40 15.28 21.10
CA ILE B 71 21.89 15.46 22.46
C ILE B 71 21.34 16.87 22.69
N ALA B 72 22.07 17.90 22.24
CA ALA B 72 21.60 19.27 22.39
C ALA B 72 20.30 19.52 21.62
N ALA B 73 20.16 18.84 20.48
CA ALA B 73 18.93 18.96 19.68
C ALA B 73 17.76 18.32 20.42
N ALA B 74 18.01 17.15 21.01
CA ALA B 74 16.94 16.49 21.75
C ALA B 74 16.51 17.39 22.89
N GLU B 75 17.49 17.95 23.59
CA GLU B 75 17.19 18.77 24.74
C GLU B 75 16.46 20.06 24.39
N ILE B 76 16.90 20.77 23.35
CA ILE B 76 16.23 22.01 23.01
C ILE B 76 14.79 21.74 22.51
N ALA B 77 14.60 20.61 21.84
CA ALA B 77 13.28 20.27 21.32
C ALA B 77 12.44 19.56 22.37
N GLU B 78 13.02 19.29 23.53
CA GLU B 78 12.34 18.57 24.60
C GLU B 78 11.88 17.16 24.22
N ALA B 79 12.71 16.45 23.46
CA ALA B 79 12.40 15.06 23.14
C ALA B 79 12.72 14.22 24.35
N ASP B 80 11.86 13.26 24.69
CA ASP B 80 12.17 12.37 25.81
C ASP B 80 12.71 11.00 25.34
N ALA B 81 12.84 10.82 24.04
CA ALA B 81 13.37 9.57 23.49
C ALA B 81 14.05 9.82 22.17
N ILE B 82 14.96 8.94 21.81
CA ILE B 82 15.61 9.01 20.51
C ILE B 82 15.45 7.70 19.75
N PHE B 83 15.01 7.84 18.51
CA PHE B 83 14.93 6.70 17.58
C PHE B 83 16.19 6.78 16.69
N PRO B 84 17.05 5.74 16.76
CA PRO B 84 18.35 5.78 16.07
C PRO B 84 18.31 5.25 14.63
N GLY B 85 17.25 4.54 14.25
CA GLY B 85 17.19 3.89 12.95
C GLY B 85 18.34 2.89 12.77
N TYR B 86 18.91 2.83 11.57
CA TYR B 86 20.11 2.02 11.34
C TYR B 86 21.24 2.89 10.80
N GLY B 87 22.46 2.38 10.91
CA GLY B 87 23.64 3.16 10.59
C GLY B 87 23.84 4.24 11.65
N PHE B 88 24.70 5.21 11.36
CA PHE B 88 25.00 6.30 12.30
C PHE B 88 25.24 5.86 13.75
N LEU B 89 24.36 6.28 14.67
CA LEU B 89 24.63 6.04 16.09
C LEU B 89 23.89 4.84 16.67
N SER B 90 23.22 4.07 15.81
CA SER B 90 22.32 3.02 16.27
C SER B 90 23.03 1.87 17.01
N GLU B 91 24.33 1.70 16.75
CA GLU B 91 25.09 0.66 17.47
C GLU B 91 26.26 1.25 18.27
N ASN B 92 26.17 2.54 18.57
CA ASN B 92 27.18 3.23 19.33
C ASN B 92 26.90 3.15 20.84
N GLN B 93 27.67 2.32 21.54
CA GLN B 93 27.39 2.05 22.95
C GLN B 93 27.58 3.29 23.83
N ASN B 94 28.56 4.12 23.45
CA ASN B 94 28.80 5.39 24.13
C ASN B 94 27.55 6.26 24.07
N PHE B 95 26.96 6.35 22.88
CA PHE B 95 25.76 7.16 22.68
C PHE B 95 24.62 6.65 23.55
N VAL B 96 24.45 5.33 23.55
CA VAL B 96 23.41 4.71 24.35
C VAL B 96 23.54 5.10 25.83
N GLU B 97 24.76 5.08 26.34
CA GLU B 97 24.99 5.42 27.75
C GLU B 97 24.76 6.91 28.00
N ILE B 98 25.18 7.73 27.04
CA ILE B 98 24.99 9.18 27.14
C ILE B 98 23.50 9.55 27.13
N CYS B 99 22.70 8.86 26.32
CA CYS B 99 21.25 9.07 26.34
C CYS B 99 20.70 8.91 27.75
N ALA B 100 21.04 7.79 28.38
CA ALA B 100 20.59 7.51 29.73
C ALA B 100 21.07 8.57 30.72
N LYS B 101 22.29 9.07 30.50
CA LYS B 101 22.82 10.13 31.36
C LYS B 101 21.96 11.39 31.29
N HIS B 102 21.37 11.65 30.13
CA HIS B 102 20.54 12.84 29.95
C HIS B 102 19.06 12.53 30.11
N ASN B 103 18.74 11.38 30.66
CA ASN B 103 17.35 10.95 30.84
C ASN B 103 16.57 10.97 29.53
N ILE B 104 17.23 10.52 28.46
CA ILE B 104 16.55 10.35 27.18
C ILE B 104 16.53 8.86 26.90
N LYS B 105 15.35 8.36 26.55
N LYS B 105 15.37 8.34 26.50
CA LYS B 105 15.18 6.94 26.29
CA LYS B 105 15.19 6.90 26.39
C LYS B 105 15.77 6.61 24.94
C LYS B 105 15.57 6.38 25.01
N PHE B 106 16.71 5.69 24.92
CA PHE B 106 17.21 5.15 23.65
C PHE B 106 16.32 4.02 23.18
N ILE B 107 15.70 4.17 22.02
CA ILE B 107 14.81 3.14 21.53
C ILE B 107 15.63 2.02 20.89
N GLY B 108 16.03 1.07 21.73
CA GLY B 108 16.85 -0.04 21.29
C GLY B 108 17.22 -0.89 22.50
N PRO B 109 18.15 -1.82 22.35
CA PRO B 109 18.48 -2.77 23.43
C PRO B 109 19.39 -2.14 24.49
N SER B 110 19.65 -2.88 25.55
CA SER B 110 20.57 -2.40 26.59
C SER B 110 22.00 -2.38 26.08
N VAL B 111 22.83 -1.56 26.70
N VAL B 111 22.86 -1.65 26.78
CA VAL B 111 24.22 -1.44 26.27
CA VAL B 111 24.29 -1.65 26.49
C VAL B 111 24.94 -2.76 26.51
C VAL B 111 24.87 -3.06 26.65
N GLU B 112 24.53 -3.49 27.54
N GLU B 112 24.53 -3.72 27.75
CA GLU B 112 25.09 -4.80 27.84
CA GLU B 112 25.04 -5.06 28.02
C GLU B 112 24.82 -5.80 26.69
C GLU B 112 24.73 -6.04 26.88
N ALA B 113 23.56 -5.90 26.27
CA ALA B 113 23.18 -6.81 25.18
C ALA B 113 23.92 -6.43 23.90
N ASN B 115 26.74 -4.89 23.69
CA ASN B 115 28.16 -5.20 23.86
C ASN B 115 28.49 -6.70 23.71
N LEU B 116 27.57 -7.58 24.11
CA LEU B 116 27.75 -9.01 23.90
C LEU B 116 27.84 -9.42 22.42
N SER B 118 28.56 -7.24 19.77
CA SER B 118 29.25 -6.25 18.93
C SER B 118 30.57 -6.71 18.30
N ASP B 119 31.32 -7.56 19.00
CA ASP B 119 32.51 -8.18 18.45
C ASP B 119 32.03 -9.50 17.86
N LYS B 120 32.11 -9.63 16.54
CA LYS B 120 31.49 -10.75 15.85
C LYS B 120 32.12 -12.09 16.27
N SER B 121 33.40 -12.08 16.67
CA SER B 121 34.04 -13.33 17.06
C SER B 121 33.59 -13.75 18.45
N LYS B 122 33.53 -12.79 19.37
CA LYS B 122 32.99 -13.05 20.70
C LYS B 122 31.51 -13.42 20.65
N ALA B 123 30.75 -12.76 19.78
CA ALA B 123 29.32 -13.05 19.66
C ALA B 123 29.11 -14.53 19.36
N LYS B 124 29.96 -15.11 18.51
CA LYS B 124 29.83 -16.54 18.19
C LYS B 124 29.98 -17.40 19.43
N GLN B 125 30.90 -17.01 20.32
CA GLN B 125 31.14 -17.76 21.55
C GLN B 125 29.93 -17.66 22.46
N VAL B 126 29.33 -16.47 22.53
CA VAL B 126 28.08 -16.30 23.27
C VAL B 126 26.98 -17.20 22.72
N GLN B 128 27.35 -20.05 20.98
CA GLN B 128 27.68 -21.43 21.30
C GLN B 128 27.23 -21.77 22.71
N ARG B 129 27.52 -20.88 23.66
N ARG B 129 27.56 -20.89 23.66
CA ARG B 129 27.15 -21.12 25.05
CA ARG B 129 27.13 -21.08 25.04
C ARG B 129 25.63 -21.07 25.26
C ARG B 129 25.63 -21.28 25.12
N ALA B 130 24.91 -20.58 24.25
CA ALA B 130 23.45 -20.59 24.30
C ALA B 130 22.81 -21.74 23.52
N GLY B 131 23.63 -22.56 22.87
CA GLY B 131 23.16 -23.72 22.15
C GLY B 131 22.76 -23.44 20.70
N VAL B 132 23.32 -22.37 20.14
CA VAL B 132 23.01 -21.97 18.78
C VAL B 132 24.12 -22.45 17.85
N PRO B 133 23.77 -23.04 16.71
CA PRO B 133 24.86 -23.54 15.86
C PRO B 133 25.63 -22.39 15.20
N VAL B 134 26.96 -22.53 15.12
CA VAL B 134 27.80 -21.54 14.46
C VAL B 134 28.72 -22.23 13.46
N ILE B 135 29.33 -21.47 12.57
CA ILE B 135 30.23 -22.08 11.59
C ILE B 135 31.57 -22.41 12.24
N PRO B 136 32.11 -23.63 11.99
CA PRO B 136 33.43 -23.99 12.52
C PRO B 136 34.48 -22.96 12.12
N GLY B 137 35.34 -22.62 13.08
CA GLY B 137 36.36 -21.63 12.83
C GLY B 137 37.18 -21.39 14.07
N SER B 138 37.75 -20.20 14.16
N SER B 138 37.75 -20.19 14.17
CA SER B 138 38.59 -19.82 15.30
CA SER B 138 38.60 -19.87 15.29
C SER B 138 37.74 -19.74 16.56
C SER B 138 37.76 -19.74 16.55
N ASP B 139 38.37 -20.00 17.70
CA ASP B 139 37.69 -19.81 18.97
C ASP B 139 37.95 -18.38 19.43
N GLY B 140 37.10 -17.45 18.99
CA GLY B 140 37.39 -16.05 19.20
C GLY B 140 38.40 -15.54 18.17
N ALA B 141 39.00 -14.41 18.45
CA ALA B 141 39.92 -13.75 17.51
C ALA B 141 41.19 -14.54 17.24
N LEU B 142 41.68 -14.48 16.00
CA LEU B 142 42.99 -14.99 15.64
C LEU B 142 44.09 -14.15 16.30
N ALA B 143 45.15 -14.82 16.76
CA ALA B 143 46.28 -14.12 17.37
C ALA B 143 47.09 -13.38 16.31
N GLY B 144 47.00 -13.85 15.07
CA GLY B 144 47.84 -13.32 14.01
C GLY B 144 47.88 -14.25 12.81
N ALA B 145 48.73 -13.91 11.85
CA ALA B 145 48.78 -14.65 10.59
C ALA B 145 49.23 -16.11 10.74
N GLU B 146 50.19 -16.36 11.65
CA GLU B 146 50.62 -17.74 11.88
C GLU B 146 49.51 -18.61 12.48
N ALA B 147 48.77 -18.07 13.45
CA ALA B 147 47.61 -18.75 13.99
C ALA B 147 46.58 -19.05 12.88
N ALA B 148 46.43 -18.12 11.95
CA ALA B 148 45.49 -18.33 10.85
C ALA B 148 45.94 -19.51 9.99
N LYS B 149 47.25 -19.57 9.70
N LYS B 149 47.25 -19.57 9.73
CA LYS B 149 47.80 -20.66 8.90
CA LYS B 149 47.81 -20.65 8.91
C LYS B 149 47.53 -22.02 9.52
C LYS B 149 47.55 -22.02 9.52
N LYS B 150 47.82 -22.14 10.81
CA LYS B 150 47.64 -23.39 11.53
C LYS B 150 46.17 -23.80 11.49
N LEU B 151 45.28 -22.87 11.79
CA LEU B 151 43.86 -23.17 11.85
C LEU B 151 43.25 -23.53 10.49
N ALA B 152 43.61 -22.78 9.45
CA ALA B 152 43.06 -23.04 8.13
C ALA B 152 43.29 -24.47 7.69
N LYS B 153 44.47 -25.01 8.03
CA LYS B 153 44.80 -26.38 7.70
C LYS B 153 43.91 -27.35 8.48
N GLU B 154 43.63 -27.02 9.72
CA GLU B 154 42.78 -27.85 10.57
C GLU B 154 41.32 -27.89 10.10
N ILE B 155 40.76 -26.74 9.73
CA ILE B 155 39.38 -26.74 9.28
C ILE B 155 39.24 -27.09 7.78
N GLY B 156 40.29 -26.84 7.01
CA GLY B 156 40.29 -27.13 5.58
C GLY B 156 39.81 -25.99 4.70
N TYR B 157 40.52 -25.72 3.61
CA TYR B 157 40.14 -24.70 2.65
C TYR B 157 38.91 -25.09 1.82
N PRO B 158 38.15 -24.09 1.35
CA PRO B 158 38.39 -22.66 1.51
C PRO B 158 37.93 -22.14 2.88
N VAL B 159 38.56 -21.05 3.32
CA VAL B 159 38.17 -20.41 4.56
C VAL B 159 37.87 -18.96 4.26
N ILE B 160 37.27 -18.28 5.23
CA ILE B 160 37.02 -16.87 5.07
C ILE B 160 37.55 -16.16 6.31
N LEU B 161 38.36 -15.12 6.08
CA LEU B 161 38.82 -14.24 7.14
C LEU B 161 37.81 -13.12 7.28
N LYS B 162 37.39 -12.83 8.51
CA LYS B 162 36.38 -11.82 8.75
C LYS B 162 36.84 -10.89 9.87
N ALA B 163 36.55 -9.61 9.72
CA ALA B 163 36.85 -8.61 10.74
C ALA B 163 35.87 -8.73 11.90
N ALA B 164 36.40 -8.76 13.11
CA ALA B 164 35.56 -8.84 14.30
C ALA B 164 34.70 -7.57 14.49
N ALA B 165 35.21 -6.42 14.07
CA ALA B 165 34.50 -5.15 14.22
C ALA B 165 33.78 -4.80 12.93
N GLY B 166 33.68 -5.77 12.03
CA GLY B 166 33.25 -5.53 10.68
C GLY B 166 31.78 -5.27 10.47
N GLY B 167 31.46 -4.72 9.30
CA GLY B 167 30.10 -4.43 8.91
C GLY B 167 30.08 -3.96 7.47
N GLY B 168 28.88 -3.85 6.90
CA GLY B 168 28.73 -3.36 5.55
C GLY B 168 29.49 -4.17 4.53
N GLY B 169 29.82 -5.41 4.87
CA GLY B 169 30.46 -6.31 3.94
C GLY B 169 31.95 -6.11 3.79
N ARG B 170 32.54 -5.22 4.60
CA ARG B 170 33.97 -4.89 4.47
C ARG B 170 34.85 -5.67 5.46
N GLY B 171 36.13 -5.82 5.13
CA GLY B 171 37.06 -6.54 5.98
C GLY B 171 36.98 -8.07 5.92
N ARG B 173 37.69 -11.67 3.52
N ARG B 173 37.85 -11.66 3.48
CA ARG B 173 38.53 -12.20 2.44
CA ARG B 173 38.61 -12.19 2.37
C ARG B 173 38.42 -13.70 2.37
C ARG B 173 38.44 -13.70 2.34
N VAL B 174 37.97 -14.22 1.22
CA VAL B 174 37.86 -15.66 1.04
C VAL B 174 39.20 -16.17 0.56
N VAL B 175 39.68 -17.25 1.17
CA VAL B 175 40.99 -17.76 0.88
C VAL B 175 40.88 -19.21 0.42
N GLU B 176 41.37 -19.47 -0.79
CA GLU B 176 41.23 -20.78 -1.44
C GLU B 176 42.39 -21.70 -1.13
N ASN B 177 43.57 -21.12 -0.95
N ASN B 177 43.57 -21.11 -0.95
CA ASN B 177 44.77 -21.93 -0.71
CA ASN B 177 44.78 -21.91 -0.73
C ASN B 177 45.74 -21.26 0.26
C ASN B 177 45.73 -21.25 0.28
N GLU B 178 46.58 -22.07 0.90
CA GLU B 178 47.52 -21.56 1.89
C GLU B 178 48.45 -20.48 1.33
N LYS B 179 48.79 -20.59 0.04
CA LYS B 179 49.75 -19.67 -0.58
C LYS B 179 49.22 -18.25 -0.55
N ASP B 180 47.90 -18.12 -0.47
CA ASP B 180 47.26 -16.83 -0.55
C ASP B 180 46.93 -16.26 0.82
N LEU B 181 47.12 -17.06 1.87
CA LEU B 181 46.55 -16.72 3.17
C LEU B 181 47.17 -15.47 3.82
N GLU B 182 48.49 -15.41 3.91
CA GLU B 182 49.14 -14.29 4.63
C GLU B 182 48.79 -12.94 4.00
N LYS B 183 48.84 -12.89 2.68
CA LYS B 183 48.50 -11.69 1.95
C LYS B 183 47.06 -11.26 2.23
N ALA B 184 46.13 -12.21 2.20
CA ALA B 184 44.72 -11.90 2.46
C ALA B 184 44.50 -11.44 3.88
N TYR B 185 45.20 -12.07 4.82
CA TYR B 185 45.11 -11.68 6.22
C TYR B 185 45.43 -10.18 6.39
N TRP B 186 46.58 -9.77 5.89
CA TRP B 186 46.97 -8.36 6.04
C TRP B 186 46.12 -7.40 5.22
N SER B 187 45.63 -7.86 4.07
CA SER B 187 44.71 -7.04 3.28
C SER B 187 43.46 -6.73 4.10
N ALA B 188 42.89 -7.76 4.70
CA ALA B 188 41.67 -7.60 5.47
C ALA B 188 41.95 -6.80 6.73
N GLU B 189 43.04 -7.13 7.41
CA GLU B 189 43.40 -6.45 8.65
C GLU B 189 43.54 -4.94 8.44
N SER B 190 44.24 -4.55 7.37
CA SER B 190 44.41 -3.14 7.03
C SER B 190 43.09 -2.44 6.75
N GLU B 191 42.24 -3.09 5.97
CA GLU B 191 40.95 -2.51 5.63
C GLU B 191 40.13 -2.33 6.91
N ALA B 192 40.15 -3.35 7.75
CA ALA B 192 39.42 -3.32 9.00
C ALA B 192 39.90 -2.16 9.86
N THR B 194 41.35 0.63 8.93
CA THR B 194 40.94 1.89 8.31
C THR B 194 39.45 2.16 8.48
N ALA B 195 38.63 1.13 8.26
CA ALA B 195 37.18 1.31 8.30
C ALA B 195 36.60 1.35 9.71
N PHE B 196 37.15 0.56 10.63
CA PHE B 196 36.50 0.39 11.93
C PHE B 196 37.40 0.78 13.10
N GLY B 197 38.64 1.12 12.82
CA GLY B 197 39.59 1.47 13.86
C GLY B 197 39.99 0.29 14.73
N ASP B 198 39.75 -0.91 14.19
CA ASP B 198 40.06 -2.13 14.92
C ASP B 198 40.31 -3.25 13.90
N GLY B 199 41.51 -3.82 13.93
CA GLY B 199 41.86 -4.81 12.92
C GLY B 199 41.80 -6.25 13.39
N THR B 200 41.09 -6.51 14.48
CA THR B 200 40.92 -7.85 15.01
C THR B 200 40.24 -8.74 13.93
N TYR B 202 38.94 -12.82 12.67
CA TYR B 202 38.63 -14.19 13.02
C TYR B 202 38.43 -15.00 11.74
N GLU B 204 36.34 -18.44 9.75
CA GLU B 204 35.45 -19.59 9.74
C GLU B 204 35.54 -20.32 8.41
N LYS B 205 34.97 -21.52 8.36
N LYS B 205 34.96 -21.51 8.35
CA LYS B 205 34.83 -22.24 7.10
CA LYS B 205 34.85 -22.24 7.08
C LYS B 205 34.04 -21.40 6.09
C LYS B 205 34.03 -21.43 6.08
N TYR B 206 34.47 -21.42 4.83
CA TYR B 206 33.74 -20.71 3.79
C TYR B 206 32.65 -21.62 3.23
N ILE B 207 31.39 -21.24 3.37
CA ILE B 207 30.32 -22.06 2.83
C ILE B 207 30.15 -21.61 1.38
N GLN B 208 30.20 -22.56 0.47
N GLN B 208 30.28 -22.53 0.44
CA GLN B 208 30.03 -22.27 -0.94
CA GLN B 208 30.48 -22.12 -0.96
C GLN B 208 28.53 -22.22 -1.29
C GLN B 208 29.25 -21.56 -1.70
N ASN B 209 28.16 -21.21 -2.07
N ASN B 209 28.09 -22.13 -1.46
CA ASN B 209 26.77 -20.99 -2.49
CA ASN B 209 26.86 -21.68 -2.13
C ASN B 209 25.76 -21.06 -1.36
C ASN B 209 25.78 -21.35 -1.11
N PRO B 210 26.02 -20.35 -0.24
CA PRO B 210 25.05 -20.31 0.86
C PRO B 210 23.84 -19.42 0.52
N ARG B 211 22.74 -19.66 1.22
CA ARG B 211 21.63 -18.73 1.24
C ARG B 211 21.75 -17.90 2.55
N HIS B 212 21.47 -16.60 2.46
CA HIS B 212 21.54 -15.73 3.64
C HIS B 212 20.10 -15.54 4.10
N ILE B 213 19.76 -16.11 5.25
N ILE B 213 19.79 -16.12 5.25
CA ILE B 213 18.38 -16.10 5.74
CA ILE B 213 18.46 -16.09 5.80
C ILE B 213 18.38 -15.60 7.17
C ILE B 213 18.54 -15.43 7.14
N GLU B 214 17.60 -14.55 7.44
CA GLU B 214 17.63 -13.89 8.74
C GLU B 214 16.27 -13.86 9.42
N VAL B 215 16.28 -13.84 10.75
CA VAL B 215 15.04 -13.92 11.48
C VAL B 215 14.89 -12.61 12.23
N GLN B 216 13.76 -11.96 12.01
CA GLN B 216 13.42 -10.75 12.72
C GLN B 216 12.86 -11.07 14.08
N VAL B 217 13.43 -10.48 15.13
CA VAL B 217 12.88 -10.67 16.47
C VAL B 217 12.58 -9.32 17.13
N ILE B 218 11.72 -9.34 18.13
CA ILE B 218 11.52 -8.19 19.00
C ILE B 218 11.34 -8.73 20.41
N GLY B 219 12.05 -8.16 21.37
CA GLY B 219 11.94 -8.62 22.74
C GLY B 219 11.42 -7.48 23.61
N ASP B 220 10.79 -7.80 24.74
CA ASP B 220 10.21 -6.74 25.57
C ASP B 220 10.74 -6.80 27.00
N SER B 221 10.32 -5.85 27.82
CA SER B 221 10.91 -5.72 29.16
C SER B 221 10.41 -6.78 30.12
N PHE B 222 9.49 -7.62 29.66
CA PHE B 222 9.00 -8.74 30.44
C PHE B 222 9.72 -10.05 30.15
N GLY B 223 10.66 -10.01 29.20
CA GLY B 223 11.41 -11.20 28.85
C GLY B 223 10.77 -12.00 27.72
N ASN B 224 9.68 -11.50 27.17
CA ASN B 224 9.10 -12.17 26.02
C ASN B 224 9.78 -11.73 24.73
N VAL B 225 9.93 -12.67 23.79
CA VAL B 225 10.52 -12.37 22.50
C VAL B 225 9.68 -13.04 21.45
N ILE B 226 9.31 -12.27 20.43
CA ILE B 226 8.55 -12.85 19.32
C ILE B 226 9.39 -12.82 18.05
N HIS B 227 9.07 -13.67 17.07
CA HIS B 227 9.65 -13.49 15.76
C HIS B 227 8.56 -12.95 14.85
N VAL B 228 9.03 -12.30 13.79
N VAL B 228 8.92 -12.28 13.76
CA VAL B 228 8.19 -11.78 12.74
CA VAL B 228 7.91 -11.93 12.75
C VAL B 228 8.64 -12.43 11.44
C VAL B 228 8.27 -12.54 11.40
N GLY B 229 8.80 -13.75 11.45
CA GLY B 229 9.20 -14.49 10.27
C GLY B 229 10.65 -14.31 9.88
N GLU B 230 11.04 -14.97 8.79
CA GLU B 230 12.40 -14.91 8.32
C GLU B 230 12.45 -14.30 6.93
N ARG B 231 13.60 -13.74 6.57
CA ARG B 231 13.80 -13.11 5.26
C ARG B 231 14.96 -13.77 4.52
N ASP B 232 14.81 -14.00 3.22
CA ASP B 232 15.93 -14.46 2.39
C ASP B 232 16.53 -13.20 1.74
N CYS B 233 17.82 -12.97 1.98
CA CYS B 233 18.53 -11.80 1.42
C CYS B 233 19.76 -12.26 0.62
N SER B 234 19.61 -13.36 -0.11
CA SER B 234 20.74 -13.99 -0.80
C SER B 234 21.19 -13.23 -2.07
N GLN B 236 22.84 -10.69 -3.45
CA GLN B 236 23.79 -9.73 -2.95
C GLN B 236 24.88 -9.42 -3.97
N ARG B 237 25.34 -8.17 -3.96
N ARG B 237 25.38 -8.19 -3.95
CA ARG B 237 26.52 -7.79 -4.71
CA ARG B 237 26.55 -7.83 -4.76
C ARG B 237 27.50 -7.24 -3.67
C ARG B 237 27.56 -7.11 -3.88
N ARG B 238 28.75 -7.70 -3.70
CA ARG B 238 29.74 -7.17 -2.75
C ARG B 238 29.30 -7.42 -1.31
N HIS B 239 28.65 -8.56 -1.07
CA HIS B 239 28.18 -8.92 0.26
C HIS B 239 27.14 -7.97 0.82
N GLN B 240 26.52 -7.17 -0.04
N GLN B 240 26.53 -7.16 -0.04
N GLN B 240 26.51 -7.19 -0.06
CA GLN B 240 25.44 -6.26 0.38
CA GLN B 240 25.43 -6.29 0.38
CA GLN B 240 25.44 -6.27 0.35
C GLN B 240 24.12 -6.48 -0.40
C GLN B 240 24.13 -6.64 -0.34
C GLN B 240 24.13 -6.63 -0.36
N LYS B 241 23.02 -6.42 0.33
CA LYS B 241 21.72 -6.87 -0.17
C LYS B 241 21.08 -5.97 -1.24
N LEU B 242 20.49 -6.56 -2.28
CA LEU B 242 19.78 -5.80 -3.31
C LEU B 242 18.28 -6.09 -3.33
N ILE B 243 17.92 -7.34 -3.01
CA ILE B 243 16.54 -7.83 -3.07
C ILE B 243 16.37 -8.70 -1.84
N GLU B 244 15.29 -8.50 -1.10
CA GLU B 244 14.99 -9.35 0.04
C GLU B 244 13.55 -9.85 -0.07
N GLU B 245 13.26 -10.99 0.56
N GLU B 245 13.29 -11.01 0.52
CA GLU B 245 11.89 -11.49 0.53
CA GLU B 245 11.99 -11.66 0.40
C GLU B 245 11.55 -12.33 1.75
C GLU B 245 11.54 -12.25 1.72
N SER B 246 10.26 -12.47 2.02
N SER B 246 10.25 -12.54 1.83
CA SER B 246 9.78 -13.31 3.11
CA SER B 246 9.69 -13.24 2.98
C SER B 246 8.47 -13.91 2.65
C SER B 246 8.41 -13.91 2.59
N PRO B 247 8.25 -15.20 2.95
CA PRO B 247 9.21 -16.06 3.65
C PRO B 247 10.36 -16.49 2.73
N ALA B 248 11.28 -17.29 3.27
CA ALA B 248 12.35 -17.88 2.47
C ALA B 248 11.83 -19.23 2.01
N ILE B 249 11.40 -19.31 0.75
CA ILE B 249 10.70 -20.52 0.31
C ILE B 249 11.64 -21.71 0.20
N LEU B 250 12.94 -21.45 0.25
CA LEU B 250 13.94 -22.51 0.31
C LEU B 250 13.66 -23.45 1.47
N LEU B 251 13.15 -22.89 2.57
CA LEU B 251 12.98 -23.67 3.80
C LEU B 251 11.69 -24.46 3.80
N ASP B 252 11.76 -25.71 4.24
CA ASP B 252 10.57 -26.49 4.56
C ASP B 252 10.07 -26.00 5.90
N GLU B 253 8.84 -26.38 6.24
N GLU B 253 8.85 -26.39 6.28
CA GLU B 253 8.21 -25.94 7.48
CA GLU B 253 8.27 -25.86 7.51
C GLU B 253 9.05 -26.28 8.71
C GLU B 253 9.02 -26.29 8.77
N LYS B 254 9.56 -27.50 8.77
CA LYS B 254 10.33 -27.95 9.94
C LYS B 254 11.60 -27.09 10.15
N THR B 255 12.37 -26.91 9.09
CA THR B 255 13.59 -26.09 9.21
C THR B 255 13.22 -24.65 9.58
N ARG B 256 12.13 -24.15 9.00
CA ARG B 256 11.67 -22.78 9.29
C ARG B 256 11.39 -22.65 10.77
N THR B 257 10.64 -23.61 11.31
CA THR B 257 10.36 -23.66 12.75
C THR B 257 11.62 -23.72 13.61
N ARG B 258 12.57 -24.58 13.24
CA ARG B 258 13.80 -24.72 13.99
C ARG B 258 14.55 -23.40 13.98
N LEU B 259 14.55 -22.73 12.83
CA LEU B 259 15.27 -21.47 12.72
C LEU B 259 14.65 -20.37 13.59
N HIS B 260 13.32 -20.23 13.53
CA HIS B 260 12.59 -19.28 14.37
C HIS B 260 12.88 -19.52 15.86
N GLU B 261 12.78 -20.79 16.27
N GLU B 261 12.80 -20.76 16.32
CA GLU B 261 13.07 -21.20 17.66
CA GLU B 261 13.05 -21.01 17.75
C GLU B 261 14.48 -20.83 18.09
C GLU B 261 14.52 -20.87 18.16
N THR B 262 15.45 -21.11 17.23
CA THR B 262 16.85 -20.80 17.50
C THR B 262 17.05 -19.31 17.77
N ALA B 263 16.41 -18.47 16.96
CA ALA B 263 16.51 -17.03 17.10
C ALA B 263 15.89 -16.55 18.41
N ILE B 264 14.72 -17.10 18.75
N ILE B 264 14.74 -17.11 18.77
CA ILE B 264 14.05 -16.77 20.01
CA ILE B 264 14.07 -16.72 20.02
C ILE B 264 14.92 -17.16 21.19
C ILE B 264 14.88 -17.19 21.23
N LYS B 265 15.43 -18.39 21.14
CA LYS B 265 16.30 -18.92 22.20
C LYS B 265 17.52 -18.01 22.37
N ALA B 266 18.15 -17.64 21.26
CA ALA B 266 19.31 -16.76 21.32
C ALA B 266 18.99 -15.39 21.96
N ALA B 267 17.89 -14.78 21.53
CA ALA B 267 17.51 -13.47 22.07
C ALA B 267 17.29 -13.55 23.57
N LYS B 268 16.61 -14.60 24.02
CA LYS B 268 16.34 -14.75 25.43
C LYS B 268 17.62 -15.00 26.24
N ALA B 269 18.58 -15.71 25.65
CA ALA B 269 19.84 -16.00 26.34
C ALA B 269 20.63 -14.73 26.62
N ILE B 270 20.49 -13.71 25.77
CA ILE B 270 21.24 -12.48 25.98
C ILE B 270 20.42 -11.32 26.57
N GLY B 271 19.19 -11.58 26.97
CA GLY B 271 18.35 -10.54 27.56
C GLY B 271 18.02 -9.45 26.55
N TYR B 272 17.72 -9.83 25.32
CA TYR B 272 17.49 -8.85 24.27
C TYR B 272 16.14 -8.16 24.36
N GLU B 273 16.16 -6.82 24.28
CA GLU B 273 14.93 -6.04 24.24
C GLU B 273 14.96 -5.11 23.04
N GLY B 274 13.83 -4.95 22.36
CA GLY B 274 13.78 -4.10 21.17
C GLY B 274 13.84 -4.98 19.93
N ALA B 275 13.92 -4.35 18.76
CA ALA B 275 14.01 -5.08 17.50
C ALA B 275 15.44 -5.47 17.23
N GLY B 276 15.64 -6.67 16.69
CA GLY B 276 16.96 -7.10 16.31
C GLY B 276 16.83 -8.20 15.28
N THR B 277 17.93 -8.52 14.60
CA THR B 277 17.89 -9.57 13.60
C THR B 277 19.04 -10.56 13.78
N PHE B 278 18.71 -11.86 13.73
CA PHE B 278 19.73 -12.91 13.69
C PHE B 278 19.93 -13.38 12.26
N GLU B 279 21.17 -13.28 11.78
CA GLU B 279 21.53 -13.65 10.42
C GLU B 279 22.17 -15.03 10.41
N PHE B 280 21.73 -15.86 9.48
CA PHE B 280 22.17 -17.23 9.36
C PHE B 280 22.59 -17.47 7.92
N LEU B 281 23.51 -18.42 7.72
CA LEU B 281 23.73 -18.97 6.41
C LEU B 281 23.13 -20.38 6.42
N VAL B 282 22.48 -20.74 5.31
CA VAL B 282 21.85 -22.05 5.20
C VAL B 282 22.50 -22.77 4.02
N ASP B 283 22.95 -24.01 4.25
N ASP B 283 22.94 -24.00 4.26
CA ASP B 283 23.65 -24.79 3.23
CA ASP B 283 23.61 -24.77 3.21
C ASP B 283 22.70 -25.65 2.40
C ASP B 283 22.69 -25.72 2.45
N LYS B 284 23.26 -26.41 1.45
CA LYS B 284 22.44 -27.26 0.56
C LYS B 284 21.61 -28.34 1.26
N ASN B 285 22.07 -28.89 2.37
CA ASN B 285 21.25 -29.88 3.04
C ASN B 285 20.37 -29.25 4.13
N LEU B 286 20.23 -27.94 4.03
N LEU B 286 20.21 -27.94 4.01
CA LEU B 286 19.38 -27.14 4.93
CA LEU B 286 19.37 -27.12 4.89
C LEU B 286 19.91 -27.01 6.35
C LEU B 286 19.84 -27.04 6.34
N ASP B 287 21.16 -27.42 6.59
N ASP B 287 21.10 -27.35 6.59
CA ASP B 287 21.80 -27.05 7.87
CA ASP B 287 21.68 -27.04 7.90
C ASP B 287 21.91 -25.53 7.94
C ASP B 287 21.93 -25.54 7.95
N PHE B 288 21.77 -24.95 9.13
CA PHE B 288 21.89 -23.50 9.28
C PHE B 288 22.86 -23.10 10.38
N TYR B 289 23.48 -21.95 10.23
CA TYR B 289 24.52 -21.49 11.15
C TYR B 289 24.38 -20.01 11.39
N PHE B 290 24.42 -19.60 12.66
CA PHE B 290 24.48 -18.19 13.01
C PHE B 290 25.77 -17.57 12.47
N ILE B 291 25.69 -16.39 11.85
CA ILE B 291 26.90 -15.63 11.52
C ILE B 291 27.01 -14.30 12.25
N GLU B 292 25.88 -13.68 12.56
CA GLU B 292 25.90 -12.46 13.37
C GLU B 292 24.51 -11.97 13.76
N ASN B 294 22.36 -8.31 14.31
CA ASN B 294 22.31 -6.85 14.25
C ASN B 294 21.38 -6.36 15.36
N THR B 295 21.92 -5.55 16.26
CA THR B 295 21.17 -5.15 17.44
C THR B 295 20.47 -3.82 17.16
N ARG B 296 19.62 -3.83 16.15
CA ARG B 296 18.94 -2.62 15.68
C ARG B 296 17.97 -3.04 14.59
N LEU B 297 17.14 -2.11 14.15
CA LEU B 297 16.31 -2.33 12.96
C LEU B 297 17.22 -2.47 11.74
N GLN B 298 16.75 -3.15 10.70
CA GLN B 298 17.51 -3.22 9.46
C GLN B 298 16.73 -2.57 8.32
N VAL B 299 17.44 -2.24 7.25
CA VAL B 299 16.85 -1.61 6.08
C VAL B 299 15.64 -2.39 5.56
N GLU B 300 15.79 -3.71 5.49
CA GLU B 300 14.79 -4.54 4.81
C GLU B 300 13.56 -4.89 5.67
N HIS B 301 13.39 -4.23 6.81
CA HIS B 301 12.32 -4.62 7.73
C HIS B 301 10.89 -4.60 7.13
N CYS B 302 10.64 -3.79 6.11
CA CYS B 302 9.28 -3.64 5.60
C CYS B 302 8.72 -4.96 5.03
N VAL B 303 9.60 -5.81 4.51
N VAL B 303 9.61 -5.81 4.53
CA VAL B 303 9.14 -7.08 3.96
CA VAL B 303 9.18 -7.09 3.96
C VAL B 303 8.51 -7.92 5.07
C VAL B 303 8.52 -7.93 5.06
N SER B 304 9.09 -7.87 6.26
CA SER B 304 8.52 -8.58 7.42
C SER B 304 7.21 -7.91 7.88
N GLU B 305 7.13 -6.59 7.79
CA GLU B 305 5.87 -5.91 8.13
C GLU B 305 4.73 -6.35 7.20
N VAL B 307 4.23 -9.21 5.50
CA VAL B 307 3.70 -10.57 5.70
C VAL B 307 3.07 -10.78 7.07
N SER B 308 3.42 -9.94 8.04
CA SER B 308 3.02 -10.15 9.43
C SER B 308 1.90 -9.23 9.91
N GLY B 309 1.67 -8.14 9.20
CA GLY B 309 0.72 -7.12 9.65
C GLY B 309 1.21 -6.30 10.84
N ILE B 310 2.49 -6.41 11.16
CA ILE B 310 3.06 -5.69 12.33
C ILE B 310 3.82 -4.44 11.90
N ASP B 311 3.63 -3.33 12.62
CA ASP B 311 4.46 -2.14 12.44
C ASP B 311 5.65 -2.29 13.39
N ILE B 312 6.82 -2.63 12.88
CA ILE B 312 7.94 -2.95 13.76
C ILE B 312 8.39 -1.75 14.57
N ILE B 313 8.36 -0.58 13.96
CA ILE B 313 8.77 0.63 14.67
C ILE B 313 7.76 0.96 15.78
N GLU B 314 6.48 0.77 15.51
CA GLU B 314 5.49 0.92 16.57
C GLU B 314 5.81 0.00 17.75
N GLN B 315 6.10 -1.27 17.49
CA GLN B 315 6.43 -2.17 18.58
C GLN B 315 7.73 -1.76 19.29
N ILE B 317 8.78 1.23 19.78
CA ILE B 317 8.40 2.35 20.65
C ILE B 317 7.63 1.82 21.86
N LYS B 318 6.65 0.95 21.60
CA LYS B 318 5.85 0.40 22.70
C LYS B 318 6.73 -0.35 23.71
N VAL B 319 7.70 -1.11 23.21
CA VAL B 319 8.59 -1.83 24.12
C VAL B 319 9.38 -0.85 24.98
N ALA B 320 9.81 0.25 24.36
CA ALA B 320 10.60 1.25 25.07
C ALA B 320 9.77 1.95 26.13
N GLU B 321 8.45 1.91 25.96
CA GLU B 321 7.54 2.52 26.92
C GLU B 321 7.14 1.56 28.03
N GLY B 322 7.60 0.32 27.95
CA GLY B 322 7.28 -0.67 28.96
C GLY B 322 6.05 -1.52 28.68
N TYR B 323 5.53 -1.49 27.45
CA TYR B 323 4.40 -2.33 27.08
C TYR B 323 4.85 -3.75 26.72
N ALA B 324 3.91 -4.69 26.81
CA ALA B 324 4.16 -6.06 26.41
C ALA B 324 3.97 -6.19 24.90
N LEU B 325 4.72 -7.09 24.30
CA LEU B 325 4.53 -7.41 22.89
C LEU B 325 3.23 -8.21 22.74
N PRO B 326 2.69 -8.29 21.52
CA PRO B 326 1.61 -9.23 21.27
C PRO B 326 2.13 -10.64 21.49
N SER B 327 1.24 -11.61 21.71
CA SER B 327 1.67 -12.99 21.83
C SER B 327 2.15 -13.52 20.48
N GLN B 328 3.06 -14.49 20.50
CA GLN B 328 3.45 -15.13 19.24
C GLN B 328 2.24 -15.71 18.51
N GLU B 329 1.30 -16.29 19.26
CA GLU B 329 0.11 -16.93 18.66
C GLU B 329 -0.73 -15.93 17.85
N SER B 330 -0.72 -14.68 18.27
CA SER B 330 -1.50 -13.66 17.58
C SER B 330 -0.83 -13.19 16.28
N ILE B 331 0.44 -13.54 16.11
N ILE B 331 0.43 -13.54 16.09
CA ILE B 331 1.18 -13.15 14.92
CA ILE B 331 1.13 -13.11 14.90
C ILE B 331 0.92 -14.11 13.78
C ILE B 331 0.96 -14.09 13.76
N LYS B 332 0.30 -13.63 12.71
CA LYS B 332 -0.01 -14.48 11.57
C LYS B 332 0.84 -14.04 10.40
N LEU B 333 1.58 -14.97 9.82
CA LEU B 333 2.38 -14.68 8.65
C LEU B 333 1.62 -15.19 7.44
N ASN B 334 1.38 -14.31 6.48
N ASN B 334 1.38 -14.31 6.48
CA ASN B 334 0.60 -14.68 5.31
CA ASN B 334 0.56 -14.65 5.32
C ASN B 334 1.21 -14.11 4.05
C ASN B 334 1.16 -14.09 4.03
N GLY B 335 1.09 -14.87 2.97
CA GLY B 335 1.52 -14.41 1.66
C GLY B 335 3.03 -14.26 1.54
N HIS B 336 3.44 -13.38 0.64
CA HIS B 336 4.84 -13.31 0.21
C HIS B 336 5.17 -11.87 -0.12
N SER B 337 6.27 -11.37 0.44
N SER B 337 6.27 -11.37 0.43
CA SER B 337 6.69 -10.00 0.17
CA SER B 337 6.68 -10.00 0.13
C SER B 337 8.09 -9.97 -0.45
C SER B 337 8.09 -9.95 -0.44
N ILE B 338 8.29 -9.08 -1.41
CA ILE B 338 9.59 -8.88 -2.03
C ILE B 338 9.90 -7.38 -1.95
N GLU B 339 11.16 -7.04 -1.66
CA GLU B 339 11.65 -5.66 -1.73
C GLU B 339 12.83 -5.55 -2.71
N CYS B 340 12.79 -4.52 -3.55
CA CYS B 340 13.91 -4.19 -4.44
C CYS B 340 14.48 -2.82 -4.02
N ARG B 341 15.77 -2.75 -3.76
CA ARG B 341 16.36 -1.47 -3.35
C ARG B 341 16.66 -0.64 -4.59
N ILE B 342 15.99 0.48 -4.74
CA ILE B 342 16.21 1.31 -5.91
C ILE B 342 17.25 2.35 -5.56
N THR B 343 18.38 2.31 -6.27
CA THR B 343 19.47 3.23 -5.97
C THR B 343 19.83 4.04 -7.20
N ALA B 344 20.44 5.20 -6.96
CA ALA B 344 20.89 6.09 -8.02
C ALA B 344 22.24 5.60 -8.52
N GLU B 345 22.22 4.47 -9.24
CA GLU B 345 23.43 3.85 -9.77
C GLU B 345 23.07 3.23 -11.11
N ASP B 346 24.06 3.10 -11.99
CA ASP B 346 23.86 2.41 -13.27
C ASP B 346 23.47 0.96 -13.03
N SER B 347 22.48 0.46 -13.77
N SER B 347 22.49 0.46 -13.78
CA SER B 347 22.00 -0.91 -13.58
CA SER B 347 21.98 -0.89 -13.58
C SER B 347 23.00 -1.99 -13.94
C SER B 347 22.90 -2.01 -14.09
N LYS B 348 23.99 -1.65 -14.77
CA LYS B 348 24.99 -2.63 -15.18
C LYS B 348 26.28 -2.48 -14.39
N THR B 349 26.77 -1.25 -14.27
CA THR B 349 28.05 -1.02 -13.59
C THR B 349 27.88 -0.79 -12.10
N PHE B 350 26.68 -0.38 -11.69
CA PHE B 350 26.43 0.00 -10.31
C PHE B 350 27.27 1.19 -9.84
N LEU B 351 27.79 1.98 -10.77
CA LEU B 351 28.46 3.24 -10.41
C LEU B 351 27.44 4.32 -10.12
N PRO B 352 27.69 5.13 -9.08
CA PRO B 352 26.75 6.15 -8.62
C PRO B 352 26.36 7.14 -9.72
N SER B 353 25.13 7.62 -9.68
CA SER B 353 24.63 8.57 -10.67
C SER B 353 23.99 9.76 -9.95
N PRO B 354 24.82 10.62 -9.36
CA PRO B 354 24.25 11.74 -8.60
C PRO B 354 23.61 12.74 -9.56
N GLY B 355 22.67 13.53 -9.06
CA GLY B 355 22.09 14.61 -9.85
C GLY B 355 20.67 14.94 -9.44
N LYS B 356 20.07 15.84 -10.19
CA LYS B 356 18.72 16.30 -9.92
C LYS B 356 17.68 15.38 -10.57
N ILE B 357 16.69 14.99 -9.78
CA ILE B 357 15.56 14.25 -10.33
C ILE B 357 14.61 15.21 -11.04
N THR B 358 14.50 15.09 -12.36
CA THR B 358 13.68 16.00 -13.15
C THR B 358 12.29 15.43 -13.43
N LYS B 359 12.13 14.13 -13.21
CA LYS B 359 10.82 13.50 -13.26
C LYS B 359 10.75 12.43 -12.19
N TYR B 360 9.68 12.45 -11.40
CA TYR B 360 9.51 11.43 -10.40
C TYR B 360 8.04 11.02 -10.26
N ILE B 361 7.73 9.83 -10.74
CA ILE B 361 6.39 9.28 -10.60
C ILE B 361 6.54 7.90 -9.99
N PRO B 362 6.18 7.77 -8.71
CA PRO B 362 6.35 6.50 -8.01
C PRO B 362 5.23 5.53 -8.39
N PRO B 363 5.46 4.23 -8.21
CA PRO B 363 4.33 3.32 -8.44
C PRO B 363 3.43 3.34 -7.23
N ALA B 364 2.22 2.82 -7.39
CA ALA B 364 1.24 2.75 -6.32
C ALA B 364 0.36 1.56 -6.65
N GLY B 365 -0.78 1.46 -5.99
CA GLY B 365 -1.66 0.35 -6.24
C GLY B 365 -1.77 -0.54 -5.03
N ARG B 366 -2.63 -1.53 -5.16
CA ARG B 366 -2.92 -2.48 -4.11
C ARG B 366 -1.64 -3.20 -3.66
N ASN B 367 -1.34 -3.11 -2.36
CA ASN B 367 -0.22 -3.84 -1.74
C ASN B 367 1.14 -3.50 -2.35
N VAL B 368 1.29 -2.26 -2.80
CA VAL B 368 2.55 -1.73 -3.31
C VAL B 368 2.94 -0.62 -2.35
N ARG B 369 4.15 -0.71 -1.82
CA ARG B 369 4.62 0.23 -0.83
C ARG B 369 5.96 0.76 -1.30
N GLU B 371 8.87 3.06 -0.41
CA GLU B 371 9.43 3.73 0.76
C GLU B 371 10.55 4.63 0.30
N SER B 372 10.25 5.92 0.15
CA SER B 372 11.20 6.84 -0.44
C SER B 372 10.98 8.25 0.09
N HIS B 373 12.08 8.98 0.25
CA HIS B 373 11.98 10.40 0.58
C HIS B 373 12.19 11.28 -0.66
N CYS B 374 12.25 10.67 -1.83
CA CYS B 374 12.51 11.44 -3.04
C CYS B 374 11.28 12.15 -3.57
N TYR B 375 11.48 13.17 -4.38
CA TYR B 375 10.37 13.87 -5.03
C TYR B 375 10.90 14.58 -6.26
N GLN B 376 10.00 15.01 -7.13
N GLN B 376 9.98 15.02 -7.11
CA GLN B 376 10.43 15.64 -8.37
CA GLN B 376 10.32 15.78 -8.30
C GLN B 376 11.13 16.96 -8.06
C GLN B 376 11.21 16.95 -7.91
N ASP B 377 12.32 17.13 -8.62
CA ASP B 377 13.20 18.29 -8.38
C ASP B 377 14.20 18.09 -7.24
N TYR B 378 14.11 16.97 -6.53
CA TYR B 378 15.06 16.69 -5.45
C TYR B 378 16.42 16.28 -6.02
N SER B 379 17.51 16.79 -5.43
CA SER B 379 18.86 16.36 -5.82
C SER B 379 19.38 15.21 -4.98
N VAL B 380 19.77 14.12 -5.64
CA VAL B 380 20.27 12.94 -4.94
C VAL B 380 21.80 12.98 -4.92
N PRO B 381 22.38 12.95 -3.71
N PRO B 381 22.39 13.29 -3.77
CA PRO B 381 23.82 12.94 -3.47
CA PRO B 381 23.85 13.36 -3.73
C PRO B 381 24.34 11.51 -3.49
C PRO B 381 24.46 12.05 -3.26
N ALA B 382 24.33 10.89 -4.67
N ALA B 382 25.49 11.59 -3.94
CA ALA B 382 24.58 9.47 -4.79
CA ALA B 382 26.17 10.37 -3.52
C ALA B 382 25.97 9.04 -4.33
C ALA B 382 26.84 10.55 -2.15
N TYR B 383 26.89 10.01 -4.32
N TYR B 383 26.70 11.73 -1.58
CA TYR B 383 28.25 9.80 -3.82
CA TYR B 383 27.44 12.07 -0.35
C TYR B 383 28.27 9.45 -2.32
C TYR B 383 27.24 11.07 0.78
N TYR B 384 27.21 9.83 -1.62
N TYR B 384 25.99 10.90 1.24
CA TYR B 384 27.12 9.65 -0.17
CA TYR B 384 25.72 10.02 2.38
C TYR B 384 25.97 8.71 0.22
C TYR B 384 25.61 8.54 2.02
N ASP B 385 24.79 8.99 -0.31
N ASP B 385 24.82 8.25 0.99
CA ASP B 385 23.62 8.12 -0.15
CA ASP B 385 24.71 6.90 0.47
C ASP B 385 23.01 7.91 -1.54
C ASP B 385 23.96 6.94 -0.84
N SER B 386 23.23 6.74 -2.13
N SER B 386 23.93 5.82 -1.54
CA SER B 386 22.69 6.46 -3.45
CA SER B 386 23.10 5.71 -2.71
C SER B 386 21.26 5.94 -3.35
C SER B 386 21.83 4.97 -2.31
N ILE B 388 17.54 5.72 -3.40
CA ILE B 388 16.40 6.48 -3.87
C ILE B 388 15.17 6.04 -3.06
N GLY B 389 14.92 4.74 -3.02
CA GLY B 389 13.77 4.22 -2.31
C GLY B 389 13.75 2.70 -2.27
N LYS B 390 12.97 2.14 -1.36
CA LYS B 390 12.77 0.69 -1.32
C LYS B 390 11.38 0.39 -1.87
N LEU B 391 11.32 -0.40 -2.91
CA LEU B 391 10.04 -0.75 -3.49
C LEU B 391 9.64 -2.10 -2.93
N VAL B 392 8.53 -2.14 -2.20
CA VAL B 392 8.11 -3.36 -1.53
C VAL B 392 6.72 -3.74 -2.01
N VAL B 393 6.50 -5.01 -2.33
CA VAL B 393 5.17 -5.49 -2.67
C VAL B 393 4.82 -6.73 -1.85
N TRP B 394 3.53 -7.03 -1.78
CA TRP B 394 3.04 -8.22 -1.11
C TRP B 394 2.00 -8.82 -2.02
N ALA B 395 1.95 -10.14 -2.05
CA ALA B 395 0.89 -10.87 -2.77
C ALA B 395 0.68 -12.20 -2.10
N GLU B 396 -0.28 -12.97 -2.61
CA GLU B 396 -0.72 -14.18 -1.94
C GLU B 396 0.32 -15.31 -2.06
N ASP B 397 1.15 -15.26 -3.09
CA ASP B 397 2.26 -16.22 -3.21
C ASP B 397 3.42 -15.58 -3.96
N ARG B 398 4.50 -16.32 -4.10
CA ARG B 398 5.73 -15.72 -4.63
C ARG B 398 5.61 -15.31 -6.10
N ASN B 399 4.97 -16.16 -6.91
CA ASN B 399 4.82 -15.81 -8.32
C ASN B 399 3.95 -14.56 -8.52
N LYS B 400 2.89 -14.44 -7.75
CA LYS B 400 2.05 -13.23 -7.79
C LYS B 400 2.83 -12.00 -7.31
N ALA B 401 3.68 -12.20 -6.30
CA ALA B 401 4.54 -11.08 -5.84
C ALA B 401 5.52 -10.62 -6.91
N ILE B 402 6.12 -11.58 -7.62
CA ILE B 402 7.05 -11.25 -8.68
C ILE B 402 6.32 -10.46 -9.77
N ALA B 403 5.10 -10.89 -10.11
CA ALA B 403 4.35 -10.20 -11.16
C ALA B 403 3.99 -8.78 -10.72
N LYS B 404 3.62 -8.62 -9.45
CA LYS B 404 3.29 -7.29 -8.93
C LYS B 404 4.53 -6.38 -8.92
N LYS B 406 7.06 -6.55 -10.95
N LYS B 406 7.08 -6.57 -10.95
CA LYS B 406 7.38 -6.24 -12.32
CA LYS B 406 7.36 -6.24 -12.35
C LYS B 406 6.54 -5.03 -12.80
C LYS B 406 6.55 -5.02 -12.78
N VAL B 407 5.25 -5.06 -12.50
CA VAL B 407 4.35 -3.96 -12.84
C VAL B 407 4.76 -2.69 -12.11
N ALA B 408 5.10 -2.82 -10.83
CA ALA B 408 5.45 -1.66 -10.03
C ALA B 408 6.74 -1.04 -10.53
N LEU B 409 7.74 -1.87 -10.82
CA LEU B 409 9.01 -1.38 -11.36
C LEU B 409 8.77 -0.68 -12.69
N ASP B 410 7.94 -1.29 -13.55
CA ASP B 410 7.63 -0.68 -14.83
C ASP B 410 7.03 0.73 -14.66
N GLU B 411 6.20 0.89 -13.64
CA GLU B 411 5.49 2.16 -13.46
C GLU B 411 6.31 3.23 -12.74
N LEU B 412 7.43 2.86 -12.15
CA LEU B 412 8.33 3.83 -11.53
C LEU B 412 9.04 4.63 -12.64
N LEU B 413 8.75 5.92 -12.72
CA LEU B 413 9.34 6.75 -13.75
C LEU B 413 10.26 7.77 -13.08
N ILE B 414 11.56 7.65 -13.33
CA ILE B 414 12.53 8.59 -12.77
C ILE B 414 13.40 9.08 -13.91
N SER B 415 13.57 10.39 -14.01
CA SER B 415 14.46 10.94 -15.02
C SER B 415 15.46 11.88 -14.38
N GLY B 416 16.58 12.10 -15.05
CA GLY B 416 17.61 13.01 -14.56
C GLY B 416 18.84 12.29 -14.03
N ILE B 417 18.64 11.07 -13.52
CA ILE B 417 19.71 10.22 -13.02
C ILE B 417 19.45 8.78 -13.46
N LYS B 418 20.50 7.96 -13.50
CA LYS B 418 20.34 6.52 -13.72
C LYS B 418 19.85 5.85 -12.45
N THR B 419 19.09 4.77 -12.58
CA THR B 419 18.75 3.97 -11.42
C THR B 419 18.89 2.47 -11.68
N THR B 420 18.80 1.67 -10.62
CA THR B 420 18.89 0.21 -10.76
C THR B 420 17.55 -0.45 -11.10
N LYS B 421 16.56 0.36 -11.48
CA LYS B 421 15.27 -0.18 -11.94
C LYS B 421 15.42 -1.31 -12.97
N ASP B 422 16.24 -1.11 -13.99
CA ASP B 422 16.40 -2.13 -15.03
C ASP B 422 17.09 -3.40 -14.53
N PHE B 423 17.98 -3.25 -13.56
CA PHE B 423 18.59 -4.42 -12.95
C PHE B 423 17.50 -5.26 -12.32
N HIS B 424 16.63 -4.62 -11.55
CA HIS B 424 15.58 -5.36 -10.86
C HIS B 424 14.58 -5.96 -11.82
N LEU B 425 14.27 -5.23 -12.89
CA LEU B 425 13.36 -5.78 -13.90
C LEU B 425 13.95 -7.03 -14.54
N SER B 426 15.24 -6.99 -14.86
N SER B 426 15.26 -7.02 -14.79
CA SER B 426 15.85 -8.14 -15.53
CA SER B 426 15.90 -8.20 -15.37
C SER B 426 15.81 -9.34 -14.59
C SER B 426 15.94 -9.37 -14.38
N GLU B 429 12.55 -11.28 -14.34
N GLU B 429 12.56 -11.28 -14.33
CA GLU B 429 12.33 -12.16 -15.49
CA GLU B 429 12.34 -12.12 -15.50
C GLU B 429 13.44 -13.20 -15.64
C GLU B 429 13.35 -13.27 -15.57
N ASN B 430 14.31 -13.29 -14.64
CA ASN B 430 15.41 -14.26 -14.67
C ASN B 430 14.95 -15.63 -14.18
N PRO B 431 15.02 -16.65 -15.05
CA PRO B 431 14.55 -17.99 -14.64
C PRO B 431 15.23 -18.48 -13.36
N ASP B 432 16.50 -18.13 -13.13
CA ASP B 432 17.16 -18.54 -11.90
C ASP B 432 16.51 -17.90 -10.68
N PHE B 433 16.03 -16.66 -10.82
CA PHE B 433 15.38 -16.00 -9.69
C PHE B 433 14.00 -16.61 -9.47
N ILE B 434 13.25 -16.73 -10.57
CA ILE B 434 11.93 -17.34 -10.56
C ILE B 434 11.95 -18.75 -9.96
N ASN B 435 12.95 -19.54 -10.32
CA ASN B 435 13.07 -20.90 -9.81
C ASN B 435 13.80 -21.01 -8.48
N ASN B 436 14.19 -19.86 -7.93
CA ASN B 436 14.89 -19.81 -6.64
C ASN B 436 16.22 -20.55 -6.65
N ASN B 437 16.88 -20.55 -7.80
N ASN B 437 16.90 -20.52 -7.80
CA ASN B 437 18.19 -21.17 -7.95
CA ASN B 437 18.19 -21.17 -7.96
C ASN B 437 19.32 -20.14 -7.98
C ASN B 437 19.35 -20.17 -7.97
N TYR B 438 19.65 -19.60 -6.81
CA TYR B 438 20.75 -18.66 -6.69
C TYR B 438 21.25 -18.70 -5.26
N ASP B 439 22.21 -17.82 -4.96
CA ASP B 439 22.88 -17.83 -3.67
C ASP B 439 23.65 -16.54 -3.60
N THR B 440 24.39 -16.34 -2.51
CA THR B 440 25.04 -15.07 -2.27
C THR B 440 26.11 -14.75 -3.31
N ASN B 441 26.57 -15.76 -4.05
CA ASN B 441 27.61 -15.52 -5.04
C ASN B 441 27.11 -15.47 -6.48
N TYR B 442 25.79 -15.54 -6.63
CA TYR B 442 25.18 -15.63 -7.94
C TYR B 442 25.60 -14.48 -8.85
N LEU B 443 25.55 -13.26 -8.33
CA LEU B 443 25.86 -12.10 -9.15
C LEU B 443 27.32 -12.06 -9.54
N ALA B 444 28.19 -12.47 -8.62
CA ALA B 444 29.63 -12.54 -8.89
C ALA B 444 29.95 -13.41 -10.11
N ARG B 445 29.19 -14.48 -10.31
CA ARG B 445 29.50 -15.38 -11.43
C ARG B 445 28.54 -15.21 -12.60
N HIS B 446 27.84 -14.09 -12.62
CA HIS B 446 26.93 -13.77 -13.73
C HIS B 446 27.05 -12.32 -14.18
#